data_7BGC
#
_entry.id   7BGC
#
_cell.length_a   154.400
_cell.length_b   154.400
_cell.length_c   128.270
_cell.angle_alpha   90.000
_cell.angle_beta   90.000
_cell.angle_gamma   90.000
#
_symmetry.space_group_name_H-M   'I 4 2 2'
#
loop_
_entity.id
_entity.type
_entity.pdbx_description
1 polymer Cholinesterase
2 branched alpha-D-mannopyranose-(1-3)-alpha-D-mannopyranose-(1-4)-2-acetamido-2-deoxy-beta-D-glucopyranose-(1-4)-[alpha-L-fucopyranose-(1-6)]2-acetamido-2-deoxy-beta-D-glucopyranose
3 branched 'N-acetyl-alpha-neuraminic acid-(2-3)-beta-D-galactopyranose'
4 branched 2-acetamido-2-deoxy-beta-D-glucopyranose-(1-4)-[alpha-L-fucopyranose-(1-6)]2-acetamido-2-deoxy-beta-D-glucopyranose
5 non-polymer 'methyl 2-methoxy-6-[(~{E})-8-(1,2,3,4-tetrahydroacridin-9-ylamino)oct-6-enyl]benzoate'
6 non-polymer 2-acetamido-2-deoxy-beta-D-glucopyranose
7 non-polymer '2-(N-MORPHOLINO)-ETHANESULFONIC ACID'
8 non-polymer GLYCEROL
9 non-polymer 'CHLORIDE ION'
10 non-polymer 'SULFATE ION'
11 water water
#
_entity_poly.entity_id   1
_entity_poly.type   'polypeptide(L)'
_entity_poly.pdbx_seq_one_letter_code
;EDDIIIATKNGKVRGMQLTVFGGTVTAFLGIPYAQPPLGRLRFKKPQSLTKWSDIWNATKYANSCCQNIDQSFPGFHGSE
MWNPNTDLSEDCLYLNVWIPAPKPKNATVLIWIYGGGFQTGTSSLHVYDGKFLARVERVIVVSMNYRVGALGFLALPGNP
EAPGNMGLFDQQLALQWVQKNIAAFGGNPKSVTLFGESAGAASVSLHLLSPGSHSLFTRAILQSGSFNAPWAVTSLYEAR
NRTLNLAKLTGCSRENETEIIKCLRNKDPQEILLNEAFVVPYGTPLSVNFGPTVDGDFLTDMPDILLELGQFKKTQILVG
VNKDEGTAFLVYGAPGFSKDNNSIITRKEFQEGLKIFFPGVSEFGKESILFHYTDWVDDQRPENYREALGDVVGDYNFIC
PALEFTKKFSEWGNNAFFYYFEHRSSKLPWPEWMGVMHGYEIEFVFGLPLERRDQYTKAEEILSRSIVKRWANFAKYGNP
QETQNQSTSWPVFKSTEQKYLTLNTESTRIMTKLRAQQCRFWTSFFPKV
;
_entity_poly.pdbx_strand_id   A
#
loop_
_chem_comp.id
_chem_comp.type
_chem_comp.name
_chem_comp.formula
CL non-polymer 'CHLORIDE ION' 'Cl -1'
FUC L-saccharide, alpha linking alpha-L-fucopyranose 'C6 H12 O5'
GAL D-saccharide, beta linking beta-D-galactopyranose 'C6 H12 O6'
GOL non-polymer GLYCEROL 'C3 H8 O3'
MAN D-saccharide, alpha linking alpha-D-mannopyranose 'C6 H12 O6'
MES non-polymer '2-(N-MORPHOLINO)-ETHANESULFONIC ACID' 'C6 H13 N O4 S'
NAG D-saccharide, beta linking 2-acetamido-2-deoxy-beta-D-glucopyranose 'C8 H15 N O6'
SIA D-saccharide, alpha linking 'N-acetyl-alpha-neuraminic acid' 'C11 H19 N O9'
SO4 non-polymer 'SULFATE ION' 'O4 S -2'
TKN non-polymer 'methyl 2-methoxy-6-[(~{E})-8-(1,2,3,4-tetrahydroacridin-9-ylamino)oct-6-enyl]benzoate' 'C30 H36 N2 O3'
#
# COMPACT_ATOMS: atom_id res chain seq x y z
N ASP A 3 25.66 23.54 4.73
CA ASP A 3 24.74 23.25 3.63
C ASP A 3 25.26 22.08 2.77
N ILE A 4 24.39 21.56 1.89
CA ILE A 4 24.70 20.35 1.13
C ILE A 4 23.94 20.30 -0.20
N ILE A 5 24.68 20.29 -1.31
CA ILE A 5 24.11 20.20 -2.65
C ILE A 5 24.55 18.89 -3.28
N ILE A 6 23.61 18.20 -3.93
CA ILE A 6 23.91 16.98 -4.67
C ILE A 6 23.54 17.21 -6.12
N ALA A 7 24.39 16.73 -7.03
CA ALA A 7 24.22 16.90 -8.47
C ALA A 7 23.55 15.65 -9.04
N THR A 8 22.35 15.81 -9.59
CA THR A 8 21.64 14.70 -10.21
C THR A 8 21.76 14.75 -11.73
N LYS A 9 21.29 13.67 -12.37
CA LYS A 9 21.52 13.51 -13.81
C LYS A 9 20.85 14.60 -14.62
N ASN A 10 19.77 15.21 -14.13
CA ASN A 10 19.13 16.29 -14.87
C ASN A 10 19.17 17.62 -14.12
N GLY A 11 19.93 17.71 -13.03
CA GLY A 11 20.09 19.00 -12.38
C GLY A 11 20.65 18.86 -10.98
N LYS A 12 20.81 20.01 -10.35
CA LYS A 12 21.39 20.15 -9.01
C LYS A 12 20.30 20.43 -8.00
N VAL A 13 20.32 19.69 -6.90
CA VAL A 13 19.30 19.82 -5.87
C VAL A 13 19.95 20.13 -4.54
N ARG A 14 19.29 20.97 -3.75
CA ARG A 14 19.72 21.32 -2.40
C ARG A 14 18.74 20.75 -1.38
N GLY A 15 19.28 20.17 -0.30
CA GLY A 15 18.48 19.67 0.79
C GLY A 15 18.62 20.51 2.05
N MET A 16 18.24 19.91 3.17
CA MET A 16 18.35 20.56 4.47
C MET A 16 18.89 19.57 5.48
N GLN A 17 19.48 20.09 6.55
CA GLN A 17 19.96 19.25 7.64
C GLN A 17 18.84 19.07 8.64
N LEU A 18 18.68 17.84 9.11
CA LEU A 18 17.72 17.52 10.16
C LEU A 18 18.49 17.00 11.36
N THR A 19 18.31 17.65 12.50
CA THR A 19 18.87 17.11 13.73
C THR A 19 17.94 16.01 14.24
N VAL A 20 18.41 14.77 14.22
CA VAL A 20 17.64 13.58 14.64
C VAL A 20 18.47 12.80 15.64
N PHE A 21 17.92 12.57 16.84
CA PHE A 21 18.52 11.68 17.83
C PHE A 21 19.99 12.00 18.09
N GLY A 22 20.30 13.27 18.34
CA GLY A 22 21.68 13.67 18.51
C GLY A 22 22.55 13.56 17.27
N GLY A 23 22.08 12.93 16.21
CA GLY A 23 22.78 12.89 14.95
C GLY A 23 22.21 13.89 13.97
N THR A 24 22.48 13.66 12.69
CA THR A 24 22.01 14.54 11.62
C THR A 24 21.56 13.67 10.47
N VAL A 25 20.40 13.97 9.89
CA VAL A 25 19.94 13.34 8.66
C VAL A 25 19.73 14.43 7.63
N THR A 26 20.10 14.14 6.37
CA THR A 26 19.89 15.05 5.25
C THR A 26 18.67 14.61 4.49
N ALA A 27 17.69 15.48 4.44
CA ALA A 27 16.47 15.19 3.72
C ALA A 27 16.45 16.00 2.43
N PHE A 28 16.07 15.35 1.34
CA PHE A 28 15.73 16.00 0.10
C PHE A 28 14.25 15.75 -0.15
N LEU A 29 13.42 16.70 0.24
CA LEU A 29 11.98 16.58 0.05
C LEU A 29 11.57 17.33 -1.21
N GLY A 30 10.89 16.62 -2.13
CA GLY A 30 10.29 17.27 -3.27
C GLY A 30 11.16 17.38 -4.50
N ILE A 31 11.75 16.27 -4.93
CA ILE A 31 12.55 16.23 -6.16
C ILE A 31 11.62 15.79 -7.29
N PRO A 32 11.44 16.60 -8.33
CA PRO A 32 10.61 16.17 -9.45
C PRO A 32 11.24 15.01 -10.17
N TYR A 33 10.42 14.05 -10.58
CA TYR A 33 10.97 12.91 -11.29
C TYR A 33 10.26 12.67 -12.62
N ALA A 34 9.51 13.66 -13.12
CA ALA A 34 8.80 13.52 -14.38
C ALA A 34 8.21 14.86 -14.81
N GLN A 35 7.96 15.02 -16.10
CA GLN A 35 7.23 16.21 -16.53
C GLN A 35 5.82 16.17 -15.94
N PRO A 36 5.36 17.27 -15.35
CA PRO A 36 4.03 17.30 -14.73
C PRO A 36 2.96 16.81 -15.70
N PRO A 37 2.11 15.91 -15.25
CA PRO A 37 1.17 15.25 -16.16
C PRO A 37 -0.09 16.10 -16.37
N LEU A 38 0.10 17.22 -17.07
CA LEU A 38 -0.90 18.27 -17.18
C LEU A 38 -1.19 18.62 -18.64
N GLY A 39 -2.35 19.24 -18.86
CA GLY A 39 -2.73 19.67 -20.20
C GLY A 39 -2.85 18.48 -21.13
N ARG A 40 -2.16 18.53 -22.27
CA ARG A 40 -2.17 17.45 -23.24
C ARG A 40 -1.52 16.17 -22.69
N LEU A 41 -1.11 16.18 -21.42
CA LEU A 41 -0.42 15.05 -20.82
C LEU A 41 -1.20 14.38 -19.70
N ARG A 42 -2.32 14.95 -19.29
CA ARG A 42 -3.17 14.28 -18.32
C ARG A 42 -3.60 12.91 -18.86
N PHE A 43 -3.49 11.88 -18.01
CA PHE A 43 -3.87 10.50 -18.26
C PHE A 43 -2.78 9.72 -18.99
N LYS A 44 -1.95 10.41 -19.75
CA LYS A 44 -0.94 9.68 -20.47
C LYS A 44 0.16 9.25 -19.51
N LYS A 45 0.91 8.27 -19.93
CA LYS A 45 2.07 7.78 -19.21
C LYS A 45 2.97 8.94 -18.83
N PRO A 46 3.85 8.77 -17.84
CA PRO A 46 4.65 9.92 -17.36
C PRO A 46 5.85 10.19 -18.25
N GLN A 47 5.75 11.22 -19.10
CA GLN A 47 6.88 11.67 -19.90
C GLN A 47 8.05 12.02 -18.98
N SER A 48 9.26 11.78 -19.47
CA SER A 48 10.44 11.97 -18.65
C SER A 48 10.90 13.42 -18.67
N LEU A 49 11.65 13.78 -17.64
CA LEU A 49 11.86 15.16 -17.27
C LEU A 49 13.08 15.73 -17.95
N THR A 50 12.91 16.86 -18.63
CA THR A 50 14.03 17.46 -19.32
C THR A 50 14.90 18.22 -18.33
N LYS A 51 16.20 18.19 -18.61
CA LYS A 51 17.21 18.77 -17.73
C LYS A 51 16.88 20.21 -17.40
N TRP A 52 17.39 20.68 -16.26
CA TRP A 52 17.30 22.08 -15.88
C TRP A 52 18.70 22.57 -15.53
N SER A 53 18.86 23.91 -15.50
CA SER A 53 20.14 24.54 -15.17
C SER A 53 20.12 25.32 -13.87
N ASP A 54 19.00 25.33 -13.14
CA ASP A 54 18.88 26.01 -11.86
C ASP A 54 19.58 25.17 -10.78
N ILE A 55 19.36 25.51 -9.52
CA ILE A 55 19.62 24.60 -8.40
C ILE A 55 18.30 24.36 -7.71
N TRP A 56 17.74 23.16 -7.87
CA TRP A 56 16.42 22.91 -7.30
C TRP A 56 16.46 22.94 -5.77
N ASN A 57 15.58 23.75 -5.18
CA ASN A 57 15.45 23.88 -3.73
C ASN A 57 14.45 22.84 -3.23
N ALA A 58 14.96 21.68 -2.81
CA ALA A 58 14.12 20.57 -2.34
C ALA A 58 14.15 20.46 -0.82
N THR A 59 13.52 21.44 -0.16
CA THR A 59 13.52 21.53 1.30
C THR A 59 12.12 21.52 1.89
N LYS A 60 11.11 21.07 1.14
CA LYS A 60 9.74 20.93 1.64
C LYS A 60 9.01 19.90 0.79
N TYR A 61 8.08 19.20 1.42
CA TYR A 61 7.29 18.21 0.69
C TYR A 61 6.55 18.87 -0.47
N ALA A 62 6.51 18.18 -1.60
CA ALA A 62 5.85 18.75 -2.77
C ALA A 62 4.33 18.55 -2.67
N ASN A 63 3.60 19.08 -3.66
CA ASN A 63 2.16 18.89 -3.77
C ASN A 63 1.78 17.43 -3.70
N SER A 64 0.71 17.13 -2.98
CA SER A 64 0.10 15.80 -3.06
C SER A 64 -0.81 15.74 -4.29
N CYS A 65 -0.88 14.55 -4.90
CA CYS A 65 -1.69 14.36 -6.10
C CYS A 65 -3.17 14.51 -5.78
N CYS A 66 -3.95 15.07 -6.73
CA CYS A 66 -5.40 15.25 -6.59
C CYS A 66 -6.07 13.99 -6.03
N GLN A 67 -7.06 14.16 -5.14
CA GLN A 67 -7.73 13.00 -4.55
C GLN A 67 -8.91 13.43 -3.70
N ASN A 68 -9.78 12.47 -3.41
CA ASN A 68 -10.94 12.70 -2.56
C ASN A 68 -10.56 12.45 -1.12
N ILE A 69 -11.08 13.25 -0.22
CA ILE A 69 -10.73 13.20 1.18
C ILE A 69 -11.87 12.57 1.95
N ASP A 70 -11.54 11.53 2.70
CA ASP A 70 -12.48 10.96 3.68
C ASP A 70 -12.95 12.04 4.67
N GLN A 71 -14.27 12.22 4.76
CA GLN A 71 -14.84 13.19 5.68
C GLN A 71 -15.80 12.58 6.68
N SER A 72 -15.69 11.28 6.92
CA SER A 72 -16.61 10.61 7.82
C SER A 72 -16.33 10.95 9.29
N PHE A 73 -15.14 11.46 9.62
CA PHE A 73 -14.80 11.78 11.01
C PHE A 73 -14.03 13.10 11.11
N PRO A 74 -14.66 14.21 10.71
CA PRO A 74 -13.99 15.50 10.81
C PRO A 74 -13.46 15.75 12.23
N GLY A 75 -12.19 16.14 12.30
CA GLY A 75 -11.55 16.51 13.55
C GLY A 75 -10.94 15.35 14.30
N PHE A 76 -11.02 14.14 13.78
CA PHE A 76 -10.61 12.95 14.50
C PHE A 76 -9.28 12.47 13.94
N HIS A 77 -8.24 12.49 14.78
CA HIS A 77 -6.88 12.16 14.34
C HIS A 77 -6.83 10.79 13.70
N GLY A 78 -7.60 9.83 14.21
CA GLY A 78 -7.48 8.46 13.74
C GLY A 78 -7.77 8.33 12.25
N SER A 79 -8.71 9.13 11.74
CA SER A 79 -8.93 9.15 10.29
C SER A 79 -8.17 10.27 9.60
N GLU A 80 -8.10 11.44 10.21
CA GLU A 80 -7.47 12.56 9.50
C GLU A 80 -5.95 12.40 9.40
N MET A 81 -5.36 11.56 10.26
CA MET A 81 -3.96 11.12 10.14
C MET A 81 -3.61 10.64 8.73
N TRP A 82 -4.60 10.16 7.99
CA TRP A 82 -4.37 9.59 6.67
C TRP A 82 -4.62 10.56 5.52
N ASN A 83 -5.25 11.69 5.79
CA ASN A 83 -5.57 12.62 4.72
C ASN A 83 -4.33 13.43 4.29
N PRO A 84 -4.28 13.89 3.04
CA PRO A 84 -3.10 14.62 2.55
C PRO A 84 -2.78 15.86 3.38
N ASN A 85 -1.49 16.15 3.49
CA ASN A 85 -1.02 17.28 4.28
C ASN A 85 -0.16 18.23 3.45
N THR A 86 -0.37 18.25 2.13
CA THR A 86 0.15 19.29 1.26
C THR A 86 -0.95 19.64 0.26
N ASP A 87 -0.82 20.83 -0.34
CA ASP A 87 -1.71 21.22 -1.44
C ASP A 87 -1.89 20.07 -2.41
N LEU A 88 -3.12 19.88 -2.86
CA LEU A 88 -3.36 18.93 -3.93
C LEU A 88 -3.24 19.63 -5.27
N SER A 89 -2.60 18.94 -6.21
CA SER A 89 -2.47 19.47 -7.55
C SER A 89 -2.22 18.28 -8.48
N GLU A 90 -2.52 18.48 -9.76
CA GLU A 90 -2.06 17.49 -10.74
C GLU A 90 -0.55 17.52 -10.85
N ASP A 91 0.06 18.67 -10.63
CA ASP A 91 1.51 18.79 -10.62
C ASP A 91 2.01 18.11 -9.34
N CYS A 92 2.43 16.86 -9.41
CA CYS A 92 2.49 16.12 -8.16
C CYS A 92 3.42 14.91 -8.26
N LEU A 93 4.19 14.77 -9.35
CA LEU A 93 5.13 13.66 -9.46
C LEU A 93 6.51 14.12 -8.96
N TYR A 94 6.73 13.92 -7.66
CA TYR A 94 7.96 14.29 -6.98
C TYR A 94 8.33 13.14 -6.06
N LEU A 95 9.56 13.16 -5.55
CA LEU A 95 9.96 12.17 -4.56
C LEU A 95 10.83 12.81 -3.46
N ASN A 96 11.08 12.00 -2.43
CA ASN A 96 11.86 12.42 -1.27
C ASN A 96 12.98 11.43 -1.00
N VAL A 97 14.10 11.94 -0.48
CA VAL A 97 15.27 11.12 -0.18
C VAL A 97 15.76 11.47 1.22
N TRP A 98 15.98 10.45 2.05
CA TRP A 98 16.53 10.67 3.39
C TRP A 98 17.90 10.03 3.41
N ILE A 99 18.93 10.85 3.53
CA ILE A 99 20.32 10.44 3.47
C ILE A 99 20.90 10.52 4.88
N PRO A 100 21.51 9.45 5.39
CA PRO A 100 22.21 9.54 6.67
C PRO A 100 23.42 10.45 6.55
N ALA A 101 23.67 11.24 7.60
CA ALA A 101 24.83 12.12 7.65
C ALA A 101 25.87 11.53 8.57
N PRO A 102 27.13 11.44 8.14
CA PRO A 102 27.50 11.98 6.83
C PRO A 102 27.25 10.97 5.71
N LYS A 103 27.25 11.49 4.46
CA LYS A 103 26.99 10.78 3.22
C LYS A 103 27.54 9.36 3.32
N PRO A 104 26.72 8.35 3.13
CA PRO A 104 27.25 6.99 3.18
C PRO A 104 28.03 6.66 1.92
N LYS A 105 28.63 5.47 1.85
CA LYS A 105 29.38 5.09 0.66
C LYS A 105 28.51 4.29 -0.30
N ASN A 106 28.05 3.10 0.10
CA ASN A 106 27.33 2.21 -0.80
C ASN A 106 26.14 1.61 -0.03
N ALA A 107 25.19 2.47 0.35
CA ALA A 107 24.11 2.12 1.28
C ALA A 107 22.90 1.47 0.62
N THR A 108 22.29 0.52 1.34
CA THR A 108 21.04 -0.08 0.86
C THR A 108 19.97 0.98 0.81
N VAL A 109 19.16 0.93 -0.25
CA VAL A 109 18.09 1.90 -0.44
C VAL A 109 16.75 1.23 -0.19
N LEU A 110 15.90 1.92 0.57
CA LEU A 110 14.54 1.46 0.82
C LEU A 110 13.56 2.42 0.16
N ILE A 111 12.73 1.91 -0.74
CA ILE A 111 11.76 2.73 -1.47
C ILE A 111 10.34 2.39 -1.00
N TRP A 112 9.68 3.38 -0.39
CA TRP A 112 8.34 3.21 0.14
C TRP A 112 7.25 3.57 -0.87
N ILE A 113 6.23 2.70 -0.98
CA ILE A 113 5.01 2.94 -1.78
C ILE A 113 3.78 2.96 -0.87
N TYR A 114 3.09 4.10 -0.76
CA TYR A 114 1.95 4.20 0.16
C TYR A 114 0.71 3.48 -0.36
N GLY A 115 -0.19 3.16 0.58
CA GLY A 115 -1.47 2.58 0.23
C GLY A 115 -2.58 3.63 0.21
N GLY A 116 -3.80 3.15 0.01
CA GLY A 116 -4.90 4.07 -0.14
C GLY A 116 -5.96 3.57 -1.09
N GLY A 117 -5.98 2.27 -1.35
CA GLY A 117 -6.97 1.75 -2.26
C GLY A 117 -6.85 2.28 -3.67
N PHE A 118 -5.66 2.78 -4.05
CA PHE A 118 -5.36 3.41 -5.33
C PHE A 118 -6.22 4.64 -5.61
N GLN A 119 -6.92 5.13 -4.61
CA GLN A 119 -7.68 6.36 -4.75
C GLN A 119 -7.12 7.47 -3.88
N THR A 120 -6.28 7.15 -2.89
CA THR A 120 -5.84 8.13 -1.93
C THR A 120 -4.40 7.84 -1.55
N GLY A 121 -3.79 8.79 -0.85
CA GLY A 121 -2.50 8.56 -0.27
C GLY A 121 -1.51 9.63 -0.62
N THR A 122 -0.46 9.73 0.18
CA THR A 122 0.58 10.67 -0.15
C THR A 122 1.77 10.32 0.73
N SER A 123 2.96 10.60 0.21
CA SER A 123 4.19 10.26 0.91
C SER A 123 4.51 11.22 2.04
N SER A 124 3.88 12.40 2.06
CA SER A 124 4.17 13.39 3.08
C SER A 124 3.69 12.97 4.47
N LEU A 125 2.97 11.85 4.59
CA LEU A 125 2.30 11.59 5.86
C LEU A 125 3.33 11.38 6.97
N HIS A 126 2.99 11.86 8.16
CA HIS A 126 3.81 11.78 9.36
C HIS A 126 4.36 10.36 9.54
N VAL A 127 3.55 9.34 9.28
CA VAL A 127 3.98 7.99 9.62
C VAL A 127 4.74 7.36 8.45
N TYR A 128 4.98 8.13 7.38
CA TYR A 128 5.88 7.67 6.32
C TYR A 128 7.22 8.42 6.36
N ASP A 129 7.49 9.15 7.45
CA ASP A 129 8.74 9.90 7.62
C ASP A 129 9.93 8.96 7.76
N GLY A 130 10.87 9.05 6.82
CA GLY A 130 12.02 8.17 6.78
C GLY A 130 13.25 8.66 7.52
N LYS A 131 13.22 9.89 8.06
CA LYS A 131 14.37 10.39 8.79
C LYS A 131 14.78 9.46 9.93
N PHE A 132 13.85 8.67 10.47
CA PHE A 132 14.25 7.77 11.53
C PHE A 132 15.04 6.58 10.97
N LEU A 133 14.58 6.00 9.86
CA LEU A 133 15.30 4.88 9.26
C LEU A 133 16.69 5.31 8.78
N ALA A 134 16.81 6.53 8.26
CA ALA A 134 18.12 7.01 7.84
C ALA A 134 19.07 7.08 9.04
N ARG A 135 18.63 7.70 10.13
CA ARG A 135 19.50 7.91 11.28
C ARG A 135 19.92 6.60 11.91
N VAL A 136 18.99 5.67 12.10
CA VAL A 136 19.22 4.54 13.00
C VAL A 136 19.93 3.39 12.29
N GLU A 137 19.49 3.00 11.09
CA GLU A 137 20.06 1.83 10.42
C GLU A 137 21.01 2.20 9.28
N ARG A 138 21.16 3.50 9.00
CA ARG A 138 22.05 4.00 7.95
C ARG A 138 21.71 3.40 6.58
N VAL A 139 20.43 3.46 6.24
CA VAL A 139 19.95 3.22 4.90
C VAL A 139 19.44 4.53 4.31
N ILE A 140 19.25 4.55 2.99
CA ILE A 140 18.60 5.67 2.32
C ILE A 140 17.13 5.30 2.18
N VAL A 141 16.24 6.22 2.49
CA VAL A 141 14.81 6.03 2.34
C VAL A 141 14.32 6.96 1.24
N VAL A 142 13.63 6.37 0.27
CA VAL A 142 13.02 7.10 -0.84
C VAL A 142 11.53 6.79 -0.84
N SER A 143 10.73 7.80 -1.13
CA SER A 143 9.30 7.65 -1.33
C SER A 143 8.86 8.65 -2.40
N MET A 144 7.74 8.33 -3.06
CA MET A 144 7.26 9.11 -4.19
C MET A 144 5.74 9.19 -4.18
N ASN A 145 5.24 10.33 -4.68
CA ASN A 145 3.83 10.46 -5.01
C ASN A 145 3.58 9.87 -6.39
N TYR A 146 2.44 9.20 -6.53
CA TYR A 146 2.05 8.65 -7.81
C TYR A 146 0.57 8.94 -7.96
N ARG A 147 0.14 9.25 -9.20
CA ARG A 147 -1.26 9.54 -9.48
C ARG A 147 -2.19 8.44 -8.96
N VAL A 148 -3.36 8.85 -8.49
CA VAL A 148 -4.35 7.93 -7.93
C VAL A 148 -5.71 8.24 -8.53
N GLY A 149 -6.68 7.37 -8.24
CA GLY A 149 -8.00 7.57 -8.78
C GLY A 149 -7.99 7.53 -10.30
N ALA A 150 -9.05 8.12 -10.87
CA ALA A 150 -9.20 8.12 -12.32
C ALA A 150 -7.97 8.68 -13.01
N LEU A 151 -7.45 9.80 -12.51
CA LEU A 151 -6.35 10.44 -13.21
C LEU A 151 -5.12 9.55 -13.26
N GLY A 152 -5.04 8.55 -12.39
CA GLY A 152 -3.91 7.64 -12.37
C GLY A 152 -4.21 6.22 -12.85
N PHE A 153 -5.50 5.86 -13.06
CA PHE A 153 -5.83 4.47 -13.40
C PHE A 153 -7.01 4.32 -14.35
N LEU A 154 -7.55 5.42 -14.86
CA LEU A 154 -8.50 5.35 -15.96
C LEU A 154 -7.92 4.49 -17.07
N ALA A 155 -8.75 3.64 -17.65
CA ALA A 155 -8.24 2.64 -18.59
C ALA A 155 -9.16 2.60 -19.80
N LEU A 156 -8.65 3.09 -20.93
CA LEU A 156 -9.19 2.76 -22.24
C LEU A 156 -8.25 1.72 -22.85
N PRO A 157 -8.52 0.44 -22.61
CA PRO A 157 -7.52 -0.60 -22.91
C PRO A 157 -7.04 -0.45 -24.34
N GLY A 158 -5.73 -0.27 -24.51
CA GLY A 158 -5.18 -0.03 -25.82
C GLY A 158 -4.84 1.42 -26.13
N ASN A 159 -5.78 2.34 -25.94
CA ASN A 159 -5.55 3.73 -26.38
C ASN A 159 -4.60 4.43 -25.43
N PRO A 160 -3.49 5.02 -25.91
CA PRO A 160 -2.47 5.59 -25.00
C PRO A 160 -2.78 6.97 -24.43
N GLU A 161 -3.83 7.66 -24.85
CA GLU A 161 -4.19 8.84 -24.08
C GLU A 161 -4.87 8.49 -22.78
N ALA A 162 -5.16 7.21 -22.58
CA ALA A 162 -5.61 6.65 -21.31
C ALA A 162 -5.36 5.15 -21.34
N PRO A 163 -4.09 4.71 -21.31
CA PRO A 163 -3.81 3.27 -21.41
C PRO A 163 -4.10 2.49 -20.13
N GLY A 164 -4.11 3.14 -18.99
CA GLY A 164 -4.26 2.42 -17.74
C GLY A 164 -2.93 2.32 -17.02
N ASN A 165 -3.02 2.04 -15.72
CA ASN A 165 -1.84 1.74 -14.91
C ASN A 165 -0.86 2.93 -14.82
N MET A 166 -1.31 4.14 -15.13
CA MET A 166 -0.39 5.29 -15.17
C MET A 166 0.29 5.51 -13.82
N GLY A 167 -0.47 5.43 -12.72
CA GLY A 167 0.14 5.57 -11.40
C GLY A 167 1.21 4.52 -11.14
N LEU A 168 0.98 3.28 -11.58
CA LEU A 168 2.03 2.27 -11.50
C LEU A 168 3.22 2.68 -12.35
N PHE A 169 2.99 3.25 -13.54
CA PHE A 169 4.13 3.70 -14.33
C PHE A 169 4.81 4.90 -13.69
N ASP A 170 4.05 5.75 -12.97
CA ASP A 170 4.65 6.80 -12.15
C ASP A 170 5.69 6.19 -11.19
N GLN A 171 5.23 5.31 -10.28
CA GLN A 171 6.13 4.52 -9.45
C GLN A 171 7.35 4.01 -10.21
N GLN A 172 7.12 3.36 -11.34
CA GLN A 172 8.23 2.69 -12.02
C GLN A 172 9.29 3.68 -12.49
N LEU A 173 8.88 4.85 -12.97
CA LEU A 173 9.88 5.84 -13.37
C LEU A 173 10.59 6.43 -12.15
N ALA A 174 10.01 6.34 -10.95
CA ALA A 174 10.78 6.82 -9.81
C ALA A 174 11.82 5.78 -9.40
N LEU A 175 11.48 4.48 -9.42
CA LEU A 175 12.53 3.47 -9.27
C LEU A 175 13.64 3.65 -10.29
N GLN A 176 13.26 4.06 -11.51
CA GLN A 176 14.25 4.39 -12.53
CA GLN A 176 14.25 4.39 -12.53
C GLN A 176 15.11 5.56 -12.08
N TRP A 177 14.51 6.52 -11.37
CA TRP A 177 15.29 7.68 -10.94
C TRP A 177 16.35 7.28 -9.93
N VAL A 178 15.98 6.43 -8.96
CA VAL A 178 17.00 6.09 -7.99
C VAL A 178 18.04 5.16 -8.61
N GLN A 179 17.72 4.51 -9.73
CA GLN A 179 18.74 3.75 -10.42
C GLN A 179 19.78 4.66 -11.06
N LYS A 180 19.34 5.74 -11.74
CA LYS A 180 20.29 6.65 -12.37
C LYS A 180 20.96 7.62 -11.37
N ASN A 181 20.33 7.91 -10.22
CA ASN A 181 20.76 9.05 -9.42
C ASN A 181 21.21 8.74 -8.00
N ILE A 182 20.86 7.58 -7.44
CA ILE A 182 21.02 7.41 -5.98
C ILE A 182 22.47 7.17 -5.59
N ALA A 183 23.31 6.71 -6.51
CA ALA A 183 24.74 6.62 -6.19
C ALA A 183 25.32 8.00 -5.91
N ALA A 184 24.77 9.03 -6.52
CA ALA A 184 25.22 10.40 -6.22
C ALA A 184 24.94 10.77 -4.76
N PHE A 185 23.92 10.15 -4.16
CA PHE A 185 23.54 10.38 -2.77
C PHE A 185 24.26 9.44 -1.81
N GLY A 186 25.19 8.62 -2.28
CA GLY A 186 25.84 7.63 -1.45
C GLY A 186 25.14 6.29 -1.33
N GLY A 187 24.06 6.06 -2.11
CA GLY A 187 23.35 4.81 -2.06
C GLY A 187 23.84 3.85 -3.10
N ASN A 188 23.40 2.60 -2.96
CA ASN A 188 23.81 1.51 -3.83
C ASN A 188 22.64 1.06 -4.71
N PRO A 189 22.58 1.49 -5.98
CA PRO A 189 21.43 1.14 -6.82
C PRO A 189 21.23 -0.35 -6.99
N LYS A 190 22.22 -1.14 -6.65
CA LYS A 190 22.15 -2.59 -6.76
C LYS A 190 21.66 -3.26 -5.49
N SER A 191 21.26 -2.46 -4.46
CA SER A 191 20.69 -3.04 -3.23
C SER A 191 19.49 -2.19 -2.86
N VAL A 192 18.40 -2.37 -3.61
CA VAL A 192 17.17 -1.62 -3.43
C VAL A 192 16.07 -2.57 -2.96
N THR A 193 15.39 -2.21 -1.90
CA THR A 193 14.28 -3.01 -1.38
C THR A 193 13.04 -2.16 -1.48
N LEU A 194 12.02 -2.66 -2.17
CA LEU A 194 10.75 -1.98 -2.22
C LEU A 194 9.93 -2.41 -1.02
N PHE A 195 9.23 -1.45 -0.39
CA PHE A 195 8.27 -1.81 0.64
C PHE A 195 7.11 -0.83 0.59
N GLY A 196 5.91 -1.34 0.93
CA GLY A 196 4.67 -0.56 0.97
C GLY A 196 3.58 -1.26 1.78
N GLU A 197 2.47 -0.54 1.99
CA GLU A 197 1.35 -1.06 2.75
C GLU A 197 0.06 -1.01 1.93
N SER A 198 -0.83 -1.98 2.21
CA SER A 198 -2.04 -2.34 1.47
C SER A 198 -1.98 -2.05 -0.03
N ALA A 199 -2.61 -0.98 -0.53
CA ALA A 199 -2.53 -0.74 -1.98
C ALA A 199 -1.09 -0.54 -2.40
N GLY A 200 -0.26 0.07 -1.55
CA GLY A 200 1.16 0.11 -1.82
C GLY A 200 1.78 -1.28 -1.89
N ALA A 201 1.37 -2.16 -0.97
CA ALA A 201 1.86 -3.54 -0.99
C ALA A 201 1.45 -4.24 -2.29
N ALA A 202 0.17 -4.11 -2.70
CA ALA A 202 -0.22 -4.72 -3.97
C ALA A 202 0.57 -4.12 -5.12
N SER A 203 0.87 -2.83 -5.04
CA SER A 203 1.72 -2.23 -6.06
C SER A 203 3.04 -2.95 -6.14
N VAL A 204 3.68 -3.18 -5.00
CA VAL A 204 5.01 -3.73 -5.13
C VAL A 204 4.94 -5.20 -5.50
N SER A 205 3.86 -5.89 -5.14
CA SER A 205 3.72 -7.25 -5.68
C SER A 205 3.52 -7.22 -7.18
N LEU A 206 2.90 -6.15 -7.69
CA LEU A 206 2.76 -6.04 -9.15
C LEU A 206 4.09 -5.68 -9.82
N HIS A 207 4.97 -4.93 -9.13
CA HIS A 207 6.32 -4.71 -9.64
C HIS A 207 7.14 -6.01 -9.67
N LEU A 208 6.86 -6.94 -8.75
CA LEU A 208 7.47 -8.25 -8.87
C LEU A 208 7.01 -8.97 -10.14
N LEU A 209 5.86 -8.62 -10.70
CA LEU A 209 5.39 -9.25 -11.93
C LEU A 209 5.76 -8.46 -13.17
N SER A 210 5.73 -7.13 -13.08
CA SER A 210 5.83 -6.36 -14.29
C SER A 210 7.24 -6.48 -14.83
N PRO A 211 7.41 -7.00 -16.04
CA PRO A 211 8.76 -7.15 -16.60
C PRO A 211 9.60 -5.89 -16.53
N GLY A 212 9.01 -4.72 -16.80
CA GLY A 212 9.77 -3.48 -16.85
C GLY A 212 10.35 -3.04 -15.53
N SER A 213 9.99 -3.71 -14.43
CA SER A 213 10.52 -3.35 -13.11
C SER A 213 11.56 -4.31 -12.59
N HIS A 214 11.71 -5.49 -13.20
CA HIS A 214 12.55 -6.51 -12.59
CA HIS A 214 12.58 -6.55 -12.67
C HIS A 214 13.97 -6.03 -12.36
N SER A 215 14.50 -5.17 -13.22
CA SER A 215 15.85 -4.64 -13.06
C SER A 215 15.96 -3.46 -12.11
N LEU A 216 14.85 -2.87 -11.67
CA LEU A 216 14.87 -1.64 -10.90
C LEU A 216 14.86 -1.87 -9.39
N PHE A 217 14.91 -3.12 -8.92
CA PHE A 217 14.95 -3.35 -7.48
C PHE A 217 15.49 -4.74 -7.18
N THR A 218 15.78 -4.97 -5.91
CA THR A 218 16.40 -6.22 -5.45
C THR A 218 15.39 -7.15 -4.80
N ARG A 219 14.75 -6.71 -3.71
CA ARG A 219 13.74 -7.55 -3.11
C ARG A 219 12.57 -6.68 -2.70
N ALA A 220 11.70 -7.25 -1.87
CA ALA A 220 10.38 -6.69 -1.71
C ALA A 220 9.84 -7.02 -0.32
N ILE A 221 9.05 -6.10 0.21
CA ILE A 221 8.38 -6.25 1.50
C ILE A 221 6.94 -5.84 1.27
N LEU A 222 6.00 -6.76 1.58
CA LEU A 222 4.56 -6.59 1.31
C LEU A 222 3.81 -6.50 2.65
N GLN A 223 3.50 -5.27 3.10
CA GLN A 223 2.75 -5.06 4.34
C GLN A 223 1.25 -5.00 4.08
N SER A 224 0.51 -6.03 4.51
CA SER A 224 -0.95 -5.99 4.52
C SER A 224 -1.54 -5.75 3.12
N GLY A 225 -1.04 -6.47 2.11
CA GLY A 225 -1.57 -6.28 0.77
C GLY A 225 -0.83 -7.02 -0.33
N SER A 226 -1.51 -7.35 -1.42
CA SER A 226 -0.93 -8.11 -2.51
C SER A 226 -1.92 -8.12 -3.68
N PHE A 227 -1.40 -8.37 -4.90
CA PHE A 227 -2.21 -8.11 -6.09
C PHE A 227 -3.42 -9.03 -6.19
N ASN A 228 -3.31 -10.24 -5.65
CA ASN A 228 -4.41 -11.20 -5.68
C ASN A 228 -5.46 -10.92 -4.63
N ALA A 229 -5.39 -9.80 -3.93
CA ALA A 229 -6.49 -9.44 -3.06
C ALA A 229 -7.68 -8.99 -3.93
N PRO A 230 -8.92 -9.22 -3.47
CA PRO A 230 -10.07 -9.02 -4.37
C PRO A 230 -10.22 -7.58 -4.87
N TRP A 231 -9.70 -6.60 -4.12
CA TRP A 231 -9.88 -5.19 -4.49
C TRP A 231 -8.74 -4.66 -5.36
N ALA A 232 -7.70 -5.44 -5.60
CA ALA A 232 -6.46 -4.91 -6.15
C ALA A 232 -6.51 -4.71 -7.67
N VAL A 233 -7.14 -5.60 -8.40
CA VAL A 233 -7.06 -5.56 -9.86
C VAL A 233 -8.48 -5.52 -10.40
N THR A 234 -8.85 -4.39 -10.99
CA THR A 234 -10.15 -4.25 -11.60
C THR A 234 -10.09 -4.83 -13.02
N SER A 235 -11.17 -5.51 -13.43
CA SER A 235 -11.14 -6.29 -14.69
C SER A 235 -10.99 -5.36 -15.89
N LEU A 236 -10.83 -5.91 -17.10
CA LEU A 236 -10.70 -5.04 -18.26
C LEU A 236 -12.08 -4.63 -18.78
N TYR A 237 -13.10 -5.50 -18.64
CA TYR A 237 -14.41 -5.01 -19.07
C TYR A 237 -15.04 -4.12 -18.00
N GLU A 238 -14.95 -4.49 -16.72
CA GLU A 238 -15.49 -3.54 -15.75
C GLU A 238 -14.64 -2.28 -15.67
N ALA A 239 -13.41 -2.30 -16.19
CA ALA A 239 -12.62 -1.08 -16.25
C ALA A 239 -13.29 -0.08 -17.18
N ARG A 240 -13.35 -0.42 -18.45
CA ARG A 240 -13.92 0.57 -19.35
C ARG A 240 -15.45 0.64 -19.27
N ASN A 241 -16.12 -0.18 -18.44
CA ASN A 241 -17.50 0.15 -18.06
C ASN A 241 -17.49 1.24 -17.00
N ARG A 242 -16.56 1.15 -16.04
CA ARG A 242 -16.35 2.24 -15.09
C ARG A 242 -15.98 3.53 -15.82
N THR A 243 -15.13 3.41 -16.84
CA THR A 243 -14.64 4.59 -17.52
C THR A 243 -15.78 5.34 -18.19
N LEU A 244 -16.46 4.69 -19.12
CA LEU A 244 -17.47 5.40 -19.89
C LEU A 244 -18.63 5.87 -19.03
N ASN A 245 -18.88 5.23 -17.88
CA ASN A 245 -19.86 5.77 -16.95
C ASN A 245 -19.45 7.16 -16.49
N LEU A 246 -18.17 7.36 -16.24
CA LEU A 246 -17.67 8.71 -15.95
C LEU A 246 -17.85 9.63 -17.16
N ALA A 247 -17.63 9.11 -18.37
CA ALA A 247 -17.74 9.95 -19.56
C ALA A 247 -19.13 10.57 -19.70
N LYS A 248 -20.17 9.82 -19.37
CA LYS A 248 -21.49 10.43 -19.48
C LYS A 248 -21.76 11.36 -18.30
N LEU A 249 -21.31 10.97 -17.11
CA LEU A 249 -21.45 11.85 -15.95
C LEU A 249 -20.83 13.22 -16.26
N THR A 250 -19.57 13.25 -16.69
CA THR A 250 -18.98 14.50 -17.16
C THR A 250 -19.62 15.01 -18.44
N GLY A 251 -20.52 14.25 -19.05
CA GLY A 251 -21.08 14.65 -20.34
C GLY A 251 -20.01 14.78 -21.39
N CYS A 252 -19.02 13.88 -21.37
CA CYS A 252 -17.86 13.87 -22.25
C CYS A 252 -17.89 12.70 -23.22
N SER A 253 -19.07 12.16 -23.49
CA SER A 253 -19.19 10.97 -24.33
C SER A 253 -19.14 11.36 -25.80
N ARG A 254 -17.95 11.21 -26.41
CA ARG A 254 -17.85 11.20 -27.87
C ARG A 254 -18.03 9.77 -28.34
N GLU A 255 -17.47 9.39 -29.50
CA GLU A 255 -17.29 7.97 -29.81
C GLU A 255 -16.11 7.72 -30.74
N ASN A 256 -15.47 8.78 -31.25
CA ASN A 256 -14.06 8.60 -31.57
C ASN A 256 -13.42 8.31 -30.21
N GLU A 257 -13.16 7.03 -29.92
CA GLU A 257 -12.78 6.58 -28.58
C GLU A 257 -11.76 7.52 -27.96
N THR A 258 -10.88 8.06 -28.80
CA THR A 258 -9.91 9.04 -28.33
C THR A 258 -10.56 10.38 -27.99
N GLU A 259 -11.56 10.80 -28.75
CA GLU A 259 -12.07 12.15 -28.57
C GLU A 259 -12.83 12.32 -27.25
N ILE A 260 -13.13 11.23 -26.55
CA ILE A 260 -13.62 11.35 -25.18
C ILE A 260 -12.53 11.87 -24.27
N ILE A 261 -11.31 11.39 -24.46
CA ILE A 261 -10.20 11.81 -23.62
C ILE A 261 -9.96 13.30 -23.75
N LYS A 262 -9.84 13.80 -24.98
CA LYS A 262 -9.62 15.23 -25.17
C LYS A 262 -10.68 16.00 -24.40
N CYS A 263 -11.88 15.42 -24.29
CA CYS A 263 -12.96 16.08 -23.57
C CYS A 263 -12.68 16.11 -22.08
N LEU A 264 -12.12 15.05 -21.54
CA LEU A 264 -11.88 15.04 -20.11
C LEU A 264 -10.66 15.84 -19.70
N ARG A 265 -10.10 16.66 -20.57
CA ARG A 265 -8.93 17.45 -20.21
C ARG A 265 -9.14 18.94 -20.35
N ASN A 266 -10.19 19.37 -21.03
CA ASN A 266 -10.70 20.70 -20.80
C ASN A 266 -11.63 20.74 -19.59
N LYS A 267 -11.84 19.59 -18.95
CA LYS A 267 -12.58 19.53 -17.70
C LYS A 267 -11.60 19.59 -16.53
N ASP A 268 -11.97 20.32 -15.50
CA ASP A 268 -11.07 20.64 -14.41
C ASP A 268 -11.06 19.51 -13.38
N PRO A 269 -9.98 19.39 -12.60
CA PRO A 269 -9.80 18.14 -11.82
C PRO A 269 -10.89 17.89 -10.78
N GLN A 270 -11.53 18.94 -10.25
CA GLN A 270 -12.55 18.72 -9.22
CA GLN A 270 -12.55 18.69 -9.22
C GLN A 270 -13.75 17.97 -9.79
N GLU A 271 -14.17 18.33 -11.03
CA GLU A 271 -15.30 17.66 -11.67
C GLU A 271 -15.08 16.16 -11.77
N ILE A 272 -13.89 15.77 -12.22
CA ILE A 272 -13.60 14.35 -12.35
C ILE A 272 -13.63 13.68 -11.00
N LEU A 273 -13.10 14.37 -9.98
CA LEU A 273 -13.00 13.76 -8.66
C LEU A 273 -14.35 13.34 -8.13
N LEU A 274 -15.39 14.08 -8.47
CA LEU A 274 -16.65 13.93 -7.77
C LEU A 274 -17.63 12.99 -8.44
N ASN A 275 -17.33 12.49 -9.63
CA ASN A 275 -18.16 11.44 -10.22
C ASN A 275 -17.51 10.07 -10.19
N GLU A 276 -16.29 9.96 -9.63
CA GLU A 276 -15.66 8.65 -9.51
C GLU A 276 -16.46 7.71 -8.62
N ALA A 277 -17.24 8.27 -7.69
CA ALA A 277 -17.91 7.43 -6.70
C ALA A 277 -19.00 6.56 -7.33
N PHE A 278 -19.67 7.05 -8.35
CA PHE A 278 -20.82 6.35 -8.91
C PHE A 278 -20.49 5.48 -10.11
N VAL A 279 -19.24 5.47 -10.58
CA VAL A 279 -19.00 4.68 -11.79
C VAL A 279 -19.13 3.19 -11.47
N VAL A 280 -18.80 2.78 -10.26
CA VAL A 280 -19.24 1.49 -9.72
C VAL A 280 -20.64 1.69 -9.17
N PRO A 281 -21.66 0.99 -9.69
CA PRO A 281 -23.04 1.36 -9.37
C PRO A 281 -23.36 1.19 -7.90
N TYR A 282 -22.77 0.19 -7.28
CA TYR A 282 -23.01 -0.19 -5.89
C TYR A 282 -21.62 -0.35 -5.30
N GLY A 283 -21.11 0.71 -4.68
CA GLY A 283 -19.80 0.65 -4.09
C GLY A 283 -19.80 -0.07 -2.75
N THR A 284 -18.61 -0.23 -2.21
CA THR A 284 -18.42 -0.77 -0.88
C THR A 284 -17.32 0.05 -0.23
N PRO A 285 -17.06 -0.11 1.08
CA PRO A 285 -15.92 0.59 1.69
C PRO A 285 -14.58 0.25 1.08
N LEU A 286 -14.51 -0.75 0.20
CA LEU A 286 -13.28 -1.23 -0.39
C LEU A 286 -13.22 -1.00 -1.89
N SER A 287 -14.17 -0.25 -2.46
CA SER A 287 -14.21 -0.14 -3.91
C SER A 287 -13.05 0.69 -4.42
N VAL A 288 -12.15 0.05 -5.14
CA VAL A 288 -11.16 0.73 -5.94
C VAL A 288 -11.83 1.15 -7.24
N ASN A 289 -12.47 2.31 -7.22
CA ASN A 289 -13.20 2.76 -8.40
C ASN A 289 -12.34 2.73 -9.66
N PHE A 290 -11.05 2.98 -9.52
CA PHE A 290 -10.13 3.04 -10.68
C PHE A 290 -8.81 2.49 -10.20
N GLY A 291 -8.50 1.25 -10.59
CA GLY A 291 -7.32 0.59 -10.11
C GLY A 291 -6.45 -0.03 -11.18
N PRO A 292 -5.50 -0.84 -10.76
CA PRO A 292 -4.66 -1.56 -11.72
C PRO A 292 -5.50 -2.47 -12.63
N THR A 293 -5.14 -2.48 -13.91
CA THR A 293 -5.80 -3.32 -14.90
C THR A 293 -4.73 -4.04 -15.71
N VAL A 294 -5.15 -5.09 -16.42
CA VAL A 294 -4.29 -5.82 -17.34
C VAL A 294 -4.16 -4.98 -18.61
N ASP A 295 -3.10 -4.21 -18.71
CA ASP A 295 -2.95 -3.29 -19.82
C ASP A 295 -2.04 -3.81 -20.93
N GLY A 296 -1.29 -4.90 -20.70
CA GLY A 296 -0.40 -5.36 -21.73
C GLY A 296 0.85 -4.52 -21.89
N ASP A 297 1.17 -3.69 -20.90
CA ASP A 297 2.40 -2.92 -20.90
C ASP A 297 3.09 -3.10 -19.55
N PHE A 298 2.46 -2.63 -18.49
CA PHE A 298 2.93 -2.98 -17.16
C PHE A 298 2.60 -4.44 -16.83
N LEU A 299 1.33 -4.81 -16.99
CA LEU A 299 0.86 -6.17 -16.76
CA LEU A 299 0.87 -6.17 -16.75
C LEU A 299 0.45 -6.76 -18.10
N THR A 300 1.02 -7.90 -18.46
CA THR A 300 0.76 -8.46 -19.78
C THR A 300 -0.24 -9.61 -19.76
N ASP A 301 -0.80 -9.93 -18.62
CA ASP A 301 -1.66 -11.10 -18.47
C ASP A 301 -2.26 -10.99 -17.08
N MET A 302 -3.30 -11.77 -16.83
CA MET A 302 -3.98 -11.68 -15.55
C MET A 302 -3.04 -12.10 -14.44
N PRO A 303 -2.78 -11.25 -13.45
CA PRO A 303 -1.68 -11.52 -12.52
C PRO A 303 -1.83 -12.84 -11.80
N ASP A 304 -3.05 -13.33 -11.60
CA ASP A 304 -3.22 -14.61 -10.93
CA ASP A 304 -3.20 -14.61 -10.92
C ASP A 304 -2.55 -15.72 -11.72
N ILE A 305 -2.61 -15.66 -13.04
CA ILE A 305 -1.99 -16.71 -13.85
C ILE A 305 -0.46 -16.56 -13.87
N LEU A 306 0.03 -15.34 -14.02
CA LEU A 306 1.47 -15.11 -13.85
C LEU A 306 1.98 -15.69 -12.53
N LEU A 307 1.22 -15.51 -11.44
CA LEU A 307 1.61 -16.08 -10.15
C LEU A 307 1.50 -17.60 -10.16
N GLU A 308 0.38 -18.15 -10.66
CA GLU A 308 0.20 -19.58 -10.56
C GLU A 308 1.26 -20.34 -11.34
N LEU A 309 1.76 -19.76 -12.43
CA LEU A 309 2.76 -20.41 -13.28
C LEU A 309 4.14 -19.79 -13.12
N GLY A 310 4.41 -19.17 -11.97
CA GLY A 310 5.75 -18.78 -11.61
C GLY A 310 6.41 -17.78 -12.53
N GLN A 311 5.69 -16.73 -12.91
CA GLN A 311 6.20 -15.71 -13.83
C GLN A 311 6.40 -14.40 -13.08
N PHE A 312 7.55 -14.29 -12.40
CA PHE A 312 7.86 -13.11 -11.59
C PHE A 312 9.35 -13.09 -11.26
N LYS A 313 9.79 -11.92 -10.79
CA LYS A 313 11.16 -11.77 -10.31
C LYS A 313 11.43 -12.74 -9.17
N LYS A 314 12.44 -13.58 -9.33
CA LYS A 314 12.87 -14.51 -8.31
C LYS A 314 13.78 -13.80 -7.30
N THR A 315 13.32 -13.73 -6.05
CA THR A 315 14.01 -12.97 -5.00
C THR A 315 13.31 -13.20 -3.67
N GLN A 316 13.79 -12.61 -2.58
CA GLN A 316 13.20 -12.86 -1.28
C GLN A 316 12.09 -11.85 -1.04
N ILE A 317 11.01 -12.30 -0.42
CA ILE A 317 9.94 -11.41 -0.03
C ILE A 317 9.75 -11.52 1.46
N LEU A 318 9.30 -10.42 2.05
CA LEU A 318 8.87 -10.36 3.44
C LEU A 318 7.42 -9.93 3.37
N VAL A 319 6.52 -10.78 3.87
CA VAL A 319 5.07 -10.63 3.75
C VAL A 319 4.48 -10.73 5.14
N GLY A 320 3.36 -10.05 5.35
CA GLY A 320 2.75 -10.05 6.67
C GLY A 320 1.43 -9.31 6.68
N VAL A 321 0.75 -9.44 7.82
CA VAL A 321 -0.58 -8.89 8.01
C VAL A 321 -0.77 -8.59 9.48
N ASN A 322 -1.84 -7.87 9.78
CA ASN A 322 -2.22 -7.45 11.13
C ASN A 322 -3.43 -8.25 11.58
N LYS A 323 -3.60 -8.36 12.91
CA LYS A 323 -4.65 -9.22 13.46
C LYS A 323 -6.06 -8.72 13.14
N ASP A 324 -6.30 -7.41 13.23
CA ASP A 324 -7.65 -6.91 12.99
C ASP A 324 -7.72 -6.03 11.75
N GLU A 325 -7.32 -6.61 10.60
CA GLU A 325 -7.33 -5.87 9.34
C GLU A 325 -8.71 -5.32 8.99
N GLY A 326 -9.77 -6.05 9.35
CA GLY A 326 -11.08 -5.72 8.84
C GLY A 326 -11.82 -4.66 9.62
N THR A 327 -11.45 -4.43 10.88
CA THR A 327 -12.28 -3.60 11.75
C THR A 327 -12.41 -2.17 11.23
N ALA A 328 -11.33 -1.60 10.70
CA ALA A 328 -11.37 -0.21 10.24
C ALA A 328 -12.52 0.04 9.28
N PHE A 329 -12.96 -0.98 8.55
CA PHE A 329 -13.93 -0.72 7.49
C PHE A 329 -15.35 -0.81 7.99
N LEU A 330 -15.58 -1.51 9.10
CA LEU A 330 -16.97 -1.68 9.55
C LEU A 330 -17.59 -0.37 9.94
N VAL A 331 -16.81 0.59 10.48
CA VAL A 331 -17.38 1.87 10.89
C VAL A 331 -17.58 2.81 9.72
N TYR A 332 -17.10 2.43 8.53
CA TYR A 332 -17.34 3.18 7.28
C TYR A 332 -18.55 2.69 6.53
N GLY A 333 -19.64 2.29 7.20
CA GLY A 333 -20.81 1.87 6.46
C GLY A 333 -21.72 0.88 7.17
N ALA A 334 -21.15 -0.23 7.65
CA ALA A 334 -21.86 -1.36 8.28
C ALA A 334 -22.83 -0.91 9.35
N PRO A 335 -23.99 -1.57 9.46
CA PRO A 335 -25.03 -1.09 10.35
C PRO A 335 -24.76 -1.50 11.80
N GLY A 336 -25.15 -0.63 12.73
CA GLY A 336 -24.93 -0.85 14.14
C GLY A 336 -23.51 -0.60 14.62
N PHE A 337 -22.60 -0.21 13.73
CA PHE A 337 -21.20 0.07 14.07
C PHE A 337 -20.97 1.58 14.27
N SER A 338 -20.06 1.89 15.18
CA SER A 338 -19.63 3.26 15.42
C SER A 338 -18.31 3.19 16.17
N LYS A 339 -17.48 4.21 16.01
CA LYS A 339 -16.24 4.22 16.78
C LYS A 339 -16.45 4.78 18.20
N ASP A 340 -17.66 5.25 18.52
CA ASP A 340 -17.96 5.86 19.81
C ASP A 340 -18.86 4.98 20.69
N ASN A 341 -19.13 3.73 20.28
CA ASN A 341 -19.70 2.69 21.16
C ASN A 341 -19.02 1.38 20.79
N ASN A 342 -19.41 0.31 21.48
CA ASN A 342 -18.73 -0.97 21.26
C ASN A 342 -19.43 -1.85 20.21
N SER A 343 -20.42 -1.32 19.47
CA SER A 343 -20.84 -1.89 18.19
C SER A 343 -21.30 -3.34 18.30
N ILE A 344 -22.05 -3.65 19.35
CA ILE A 344 -22.58 -4.99 19.51
C ILE A 344 -23.79 -5.14 18.60
N ILE A 345 -23.66 -6.00 17.60
CA ILE A 345 -24.70 -6.19 16.60
C ILE A 345 -25.33 -7.56 16.76
N THR A 346 -26.61 -7.67 16.41
CA THR A 346 -27.30 -8.93 16.47
C THR A 346 -27.03 -9.76 15.23
N ARG A 347 -27.68 -10.93 15.15
CA ARG A 347 -27.54 -11.79 13.97
C ARG A 347 -27.95 -11.04 12.71
N LYS A 348 -29.08 -10.35 12.78
CA LYS A 348 -29.63 -9.71 11.60
C LYS A 348 -28.84 -8.46 11.22
N GLU A 349 -28.28 -7.74 12.19
CA GLU A 349 -27.36 -6.66 11.85
C GLU A 349 -26.18 -7.19 11.06
N PHE A 350 -25.63 -8.33 11.49
CA PHE A 350 -24.53 -8.97 10.76
C PHE A 350 -24.96 -9.39 9.36
N GLN A 351 -26.14 -10.01 9.25
CA GLN A 351 -26.67 -10.40 7.94
C GLN A 351 -26.66 -9.20 6.99
N GLU A 352 -27.29 -8.10 7.40
CA GLU A 352 -27.32 -6.92 6.55
C GLU A 352 -25.95 -6.33 6.32
N GLY A 353 -24.97 -6.66 7.19
CA GLY A 353 -23.61 -6.20 6.95
C GLY A 353 -22.91 -6.95 5.85
N LEU A 354 -23.32 -8.20 5.59
CA LEU A 354 -22.70 -8.88 4.46
C LEU A 354 -23.21 -8.32 3.15
N LYS A 355 -24.45 -7.83 3.14
CA LYS A 355 -24.99 -7.24 1.92
C LYS A 355 -24.24 -5.97 1.51
N ILE A 356 -23.42 -5.43 2.40
CA ILE A 356 -22.70 -4.18 2.13
C ILE A 356 -21.29 -4.46 1.68
N PHE A 357 -20.69 -5.52 2.19
CA PHE A 357 -19.38 -5.90 1.70
C PHE A 357 -19.44 -6.86 0.52
N PHE A 358 -20.59 -7.49 0.28
CA PHE A 358 -20.74 -8.47 -0.79
C PHE A 358 -21.98 -8.16 -1.62
N PRO A 359 -22.04 -6.94 -2.18
CA PRO A 359 -23.29 -6.47 -2.75
C PRO A 359 -23.74 -7.26 -3.96
N GLY A 360 -22.83 -7.73 -4.79
CA GLY A 360 -23.23 -8.48 -5.96
C GLY A 360 -23.05 -9.97 -5.79
N VAL A 361 -23.07 -10.47 -4.56
CA VAL A 361 -22.88 -11.89 -4.28
C VAL A 361 -24.26 -12.50 -4.02
N SER A 362 -24.44 -13.74 -4.48
CA SER A 362 -25.72 -14.43 -4.40
C SER A 362 -26.20 -14.55 -2.95
N GLU A 363 -27.47 -14.91 -2.80
CA GLU A 363 -27.97 -15.21 -1.47
C GLU A 363 -27.18 -16.36 -0.85
N PHE A 364 -26.91 -17.40 -1.64
CA PHE A 364 -26.17 -18.56 -1.15
C PHE A 364 -24.80 -18.16 -0.65
N GLY A 365 -24.10 -17.30 -1.41
CA GLY A 365 -22.78 -16.89 -0.99
C GLY A 365 -22.78 -16.23 0.37
N LYS A 366 -23.73 -15.31 0.59
CA LYS A 366 -23.80 -14.63 1.88
C LYS A 366 -24.10 -15.61 3.00
N GLU A 367 -24.98 -16.58 2.73
CA GLU A 367 -25.27 -17.59 3.74
C GLU A 367 -24.05 -18.46 3.97
N SER A 368 -23.31 -18.74 2.90
CA SER A 368 -22.08 -19.51 3.04
C SER A 368 -21.13 -18.84 4.03
N ILE A 369 -20.95 -17.52 3.91
CA ILE A 369 -20.08 -16.81 4.84
C ILE A 369 -20.63 -16.89 6.26
N LEU A 370 -21.92 -16.66 6.40
CA LEU A 370 -22.53 -16.74 7.72
C LEU A 370 -22.32 -18.10 8.35
N PHE A 371 -22.34 -19.16 7.53
CA PHE A 371 -22.17 -20.50 8.09
C PHE A 371 -20.75 -20.74 8.56
N HIS A 372 -19.75 -20.44 7.73
N HIS A 372 -19.76 -20.40 7.74
CA HIS A 372 -18.39 -20.69 8.16
CA HIS A 372 -18.38 -20.68 8.10
C HIS A 372 -18.06 -19.91 9.42
C HIS A 372 -17.80 -19.68 9.08
N TYR A 373 -18.57 -18.69 9.53
CA TYR A 373 -18.12 -17.75 10.55
C TYR A 373 -19.06 -17.66 11.75
N THR A 374 -20.06 -18.56 11.88
CA THR A 374 -20.96 -18.44 13.02
C THR A 374 -21.49 -19.77 13.53
N ASP A 375 -20.77 -20.88 13.34
CA ASP A 375 -21.01 -22.03 14.20
C ASP A 375 -19.98 -21.83 15.30
N TRP A 376 -20.40 -21.13 16.34
CA TRP A 376 -19.48 -20.43 17.23
C TRP A 376 -18.64 -21.37 18.07
N VAL A 377 -17.45 -20.88 18.44
CA VAL A 377 -16.72 -21.49 19.55
C VAL A 377 -17.44 -21.27 20.87
N ASP A 378 -18.51 -20.46 20.87
CA ASP A 378 -19.69 -20.57 21.75
C ASP A 378 -20.57 -19.32 21.68
N ASP A 379 -21.58 -19.24 22.57
CA ASP A 379 -22.86 -18.66 22.18
C ASP A 379 -23.13 -17.25 22.76
N GLN A 380 -23.11 -17.10 24.10
CA GLN A 380 -23.47 -15.86 24.79
C GLN A 380 -23.03 -14.63 24.03
N ARG A 381 -21.72 -14.53 23.87
CA ARG A 381 -20.97 -13.28 23.75
C ARG A 381 -21.61 -12.36 22.72
N PRO A 382 -22.15 -11.24 23.16
CA PRO A 382 -22.84 -10.33 22.24
C PRO A 382 -21.93 -9.73 21.20
N GLU A 383 -20.61 -9.83 21.35
CA GLU A 383 -19.69 -9.37 20.33
C GLU A 383 -19.45 -10.40 19.24
N ASN A 384 -20.17 -11.52 19.29
CA ASN A 384 -19.98 -12.61 18.32
C ASN A 384 -20.13 -12.10 16.90
N TYR A 385 -21.26 -11.47 16.60
CA TYR A 385 -21.48 -11.00 15.25
C TYR A 385 -20.60 -9.80 14.93
N ARG A 386 -20.36 -8.93 15.92
CA ARG A 386 -19.44 -7.81 15.70
C ARG A 386 -18.05 -8.31 15.33
N GLU A 387 -17.56 -9.30 16.05
CA GLU A 387 -16.21 -9.76 15.78
C GLU A 387 -16.16 -10.67 14.56
N ALA A 388 -17.21 -11.45 14.32
CA ALA A 388 -17.25 -12.27 13.12
C ALA A 388 -17.19 -11.40 11.87
N LEU A 389 -17.93 -10.28 11.86
CA LEU A 389 -17.97 -9.46 10.65
C LEU A 389 -16.63 -8.81 10.37
N GLY A 390 -15.90 -8.37 11.42
CA GLY A 390 -14.56 -7.85 11.20
C GLY A 390 -13.60 -8.91 10.67
N ASP A 391 -13.70 -10.12 11.20
CA ASP A 391 -12.88 -11.22 10.67
C ASP A 391 -13.24 -11.54 9.22
N VAL A 392 -14.54 -11.54 8.90
CA VAL A 392 -14.97 -11.81 7.52
C VAL A 392 -14.29 -10.85 6.56
N VAL A 393 -14.34 -9.55 6.86
CA VAL A 393 -13.76 -8.56 5.95
C VAL A 393 -12.24 -8.69 5.92
N GLY A 394 -11.63 -8.84 7.10
CA GLY A 394 -10.19 -8.96 7.16
C GLY A 394 -9.66 -10.19 6.43
N ASP A 395 -10.31 -11.34 6.63
CA ASP A 395 -9.80 -12.56 6.02
C ASP A 395 -9.95 -12.52 4.50
N TYR A 396 -11.13 -12.14 4.03
CA TYR A 396 -11.41 -12.09 2.60
C TYR A 396 -10.52 -11.07 1.92
N ASN A 397 -10.32 -9.92 2.55
CA ASN A 397 -9.70 -8.80 1.86
C ASN A 397 -8.19 -8.74 2.01
N PHE A 398 -7.61 -9.34 3.04
CA PHE A 398 -6.20 -9.06 3.29
C PHE A 398 -5.40 -10.29 3.66
N ILE A 399 -5.85 -11.03 4.67
CA ILE A 399 -4.99 -12.03 5.29
C ILE A 399 -4.78 -13.23 4.37
N CYS A 400 -5.88 -13.76 3.77
CA CYS A 400 -5.81 -15.00 2.99
C CYS A 400 -5.15 -14.75 1.59
N PRO A 401 -5.47 -13.64 0.89
CA PRO A 401 -4.65 -13.25 -0.30
C PRO A 401 -3.17 -13.24 -0.01
N ALA A 402 -2.78 -12.67 1.14
CA ALA A 402 -1.36 -12.52 1.46
C ALA A 402 -0.72 -13.87 1.73
N LEU A 403 -1.39 -14.74 2.49
CA LEU A 403 -0.85 -16.09 2.66
C LEU A 403 -0.77 -16.82 1.33
N GLU A 404 -1.84 -16.71 0.51
CA GLU A 404 -1.86 -17.39 -0.77
C GLU A 404 -0.77 -16.87 -1.69
N PHE A 405 -0.52 -15.56 -1.66
CA PHE A 405 0.64 -15.03 -2.38
C PHE A 405 1.94 -15.67 -1.91
N THR A 406 2.14 -15.72 -0.58
CA THR A 406 3.38 -16.27 -0.02
C THR A 406 3.54 -17.76 -0.35
N LYS A 407 2.48 -18.56 -0.26
CA LYS A 407 2.62 -19.96 -0.62
C LYS A 407 3.01 -20.07 -2.07
N LYS A 408 2.31 -19.35 -2.94
CA LYS A 408 2.54 -19.54 -4.37
C LYS A 408 3.89 -18.98 -4.75
N PHE A 409 4.25 -17.81 -4.23
CA PHE A 409 5.59 -17.29 -4.49
C PHE A 409 6.67 -18.23 -4.00
N SER A 410 6.59 -18.67 -2.74
CA SER A 410 7.70 -19.47 -2.25
C SER A 410 7.78 -20.83 -2.91
N GLU A 411 6.76 -21.24 -3.67
CA GLU A 411 6.84 -22.54 -4.32
C GLU A 411 7.84 -22.56 -5.47
N TRP A 412 8.51 -21.46 -5.78
CA TRP A 412 9.49 -21.48 -6.85
C TRP A 412 10.92 -21.36 -6.33
N GLY A 413 11.11 -21.65 -5.04
CA GLY A 413 12.44 -21.82 -4.50
C GLY A 413 12.97 -20.63 -3.74
N ASN A 414 12.23 -19.53 -3.69
CA ASN A 414 12.72 -18.35 -3.01
C ASN A 414 12.32 -18.32 -1.54
N ASN A 415 13.17 -17.71 -0.74
CA ASN A 415 12.90 -17.55 0.68
C ASN A 415 11.81 -16.52 0.88
N ALA A 416 10.86 -16.87 1.74
CA ALA A 416 9.73 -16.06 2.12
C ALA A 416 9.71 -15.92 3.63
N PHE A 417 9.31 -14.75 4.11
CA PHE A 417 9.19 -14.52 5.54
C PHE A 417 7.84 -13.91 5.84
N PHE A 418 7.14 -14.50 6.80
CA PHE A 418 5.77 -14.09 7.10
C PHE A 418 5.68 -13.71 8.56
N TYR A 419 5.13 -12.52 8.79
CA TYR A 419 4.93 -12.00 10.13
C TYR A 419 3.45 -11.81 10.35
N TYR A 420 3.14 -11.50 11.60
CA TYR A 420 1.76 -11.41 12.03
C TYR A 420 1.74 -10.41 13.17
N PHE A 421 1.42 -9.15 12.84
CA PHE A 421 1.53 -8.05 13.79
C PHE A 421 0.28 -7.99 14.65
N GLU A 422 0.45 -8.08 15.97
CA GLU A 422 -0.69 -8.17 16.89
C GLU A 422 -0.57 -7.22 18.06
N HIS A 423 0.03 -6.05 17.86
CA HIS A 423 0.15 -5.07 18.94
C HIS A 423 -0.72 -3.87 18.63
N ARG A 424 -1.54 -3.46 19.62
CA ARG A 424 -2.37 -2.26 19.53
C ARG A 424 -1.62 -1.10 20.17
N SER A 425 -1.24 -0.11 19.36
CA SER A 425 -0.63 1.12 19.86
C SER A 425 -1.44 1.66 21.04
N SER A 426 -0.77 2.18 22.05
CA SER A 426 -1.52 2.83 23.14
C SER A 426 -1.80 4.29 22.83
N LYS A 427 -0.95 4.93 22.03
CA LYS A 427 -1.33 6.21 21.44
C LYS A 427 -2.46 6.08 20.43
N LEU A 428 -2.98 4.86 20.21
CA LEU A 428 -3.96 4.64 19.16
C LEU A 428 -5.31 5.23 19.55
N PRO A 429 -5.94 6.03 18.68
CA PRO A 429 -7.11 6.83 19.10
C PRO A 429 -8.46 6.19 18.80
N TRP A 430 -8.48 5.14 17.97
CA TRP A 430 -9.69 4.38 17.76
C TRP A 430 -10.03 3.53 18.99
N PRO A 431 -11.31 3.22 19.20
CA PRO A 431 -11.72 2.51 20.42
C PRO A 431 -11.14 1.12 20.42
N GLU A 432 -11.27 0.44 21.57
CA GLU A 432 -10.48 -0.77 21.76
C GLU A 432 -11.07 -1.98 21.03
N TRP A 433 -12.37 -2.00 20.73
CA TRP A 433 -12.95 -3.16 20.06
C TRP A 433 -12.44 -3.32 18.63
N MET A 434 -11.81 -2.28 18.08
CA MET A 434 -11.29 -2.36 16.73
C MET A 434 -9.92 -3.03 16.66
N GLY A 435 -9.22 -3.16 17.79
CA GLY A 435 -8.02 -4.00 17.82
C GLY A 435 -6.81 -3.44 17.07
N VAL A 436 -6.03 -4.35 16.49
CA VAL A 436 -4.82 -4.03 15.74
C VAL A 436 -5.23 -3.68 14.31
N MET A 437 -5.42 -2.39 14.05
CA MET A 437 -6.15 -2.00 12.86
C MET A 437 -5.26 -1.97 11.63
N HIS A 438 -5.92 -2.07 10.48
CA HIS A 438 -5.27 -1.91 9.19
C HIS A 438 -4.45 -0.62 9.13
N GLY A 439 -3.12 -0.77 8.97
CA GLY A 439 -2.20 0.34 8.75
C GLY A 439 -1.44 0.81 9.97
N TYR A 440 -1.71 0.26 11.14
CA TYR A 440 -1.09 0.76 12.36
C TYR A 440 0.12 -0.05 12.76
N GLU A 441 0.67 -0.82 11.82
CA GLU A 441 2.04 -1.30 11.94
C GLU A 441 3.02 -0.31 11.34
N ILE A 442 2.56 0.55 10.45
CA ILE A 442 3.44 1.43 9.70
C ILE A 442 4.26 2.29 10.64
N GLU A 443 3.63 2.78 11.71
CA GLU A 443 4.38 3.66 12.60
C GLU A 443 5.48 2.91 13.33
N PHE A 444 5.33 1.60 13.53
CA PHE A 444 6.40 0.86 14.21
C PHE A 444 7.52 0.53 13.25
N VAL A 445 7.15 0.25 12.01
CA VAL A 445 8.14 -0.01 10.97
C VAL A 445 9.04 1.20 10.74
N PHE A 446 8.48 2.41 10.80
CA PHE A 446 9.23 3.61 10.51
C PHE A 446 9.97 4.14 11.72
N GLY A 447 9.83 3.48 12.88
CA GLY A 447 10.60 3.85 14.05
C GLY A 447 10.09 5.05 14.78
N LEU A 448 8.80 5.34 14.69
CA LEU A 448 8.21 6.45 15.43
C LEU A 448 8.26 6.20 16.95
N PRO A 449 7.96 4.99 17.44
CA PRO A 449 8.07 4.77 18.89
C PRO A 449 9.48 4.95 19.42
N LEU A 450 10.49 5.08 18.54
CA LEU A 450 11.83 5.38 19.02
C LEU A 450 11.96 6.80 19.53
N GLU A 451 11.09 7.72 19.10
CA GLU A 451 11.04 9.05 19.71
C GLU A 451 10.26 8.95 21.03
N ARG A 452 10.98 8.99 22.15
CA ARG A 452 10.29 8.94 23.45
C ARG A 452 9.45 10.20 23.71
N ARG A 453 9.81 11.34 23.11
CA ARG A 453 9.10 12.58 23.41
C ARG A 453 7.64 12.54 22.96
N ASP A 454 7.26 11.62 22.07
CA ASP A 454 5.92 11.58 21.49
C ASP A 454 5.09 10.41 22.00
N GLN A 455 5.20 10.13 23.29
CA GLN A 455 4.27 9.27 24.03
C GLN A 455 4.07 7.89 23.41
N TYR A 456 5.01 6.99 23.61
CA TYR A 456 4.84 5.57 23.33
C TYR A 456 5.37 4.79 24.53
N THR A 457 4.80 3.61 24.77
CA THR A 457 5.28 2.76 25.86
C THR A 457 6.74 2.39 25.63
N LYS A 458 7.46 2.16 26.72
CA LYS A 458 8.85 1.74 26.62
C LYS A 458 8.94 0.41 25.84
N ALA A 459 8.05 -0.52 26.17
CA ALA A 459 7.98 -1.78 25.42
C ALA A 459 7.60 -1.53 23.97
N GLU A 460 6.88 -0.46 23.68
CA GLU A 460 6.55 -0.11 22.30
C GLU A 460 7.80 0.28 21.54
N GLU A 461 8.62 1.14 22.14
CA GLU A 461 9.89 1.53 21.54
C GLU A 461 10.80 0.33 21.32
N ILE A 462 10.72 -0.65 22.22
CA ILE A 462 11.54 -1.86 22.05
C ILE A 462 11.05 -2.67 20.87
N LEU A 463 9.74 -2.85 20.73
CA LEU A 463 9.22 -3.61 19.60
C LEU A 463 9.58 -2.91 18.30
N SER A 464 9.38 -1.60 18.24
CA SER A 464 9.80 -0.85 17.06
C SER A 464 11.27 -1.09 16.77
N ARG A 465 12.05 -1.29 17.82
CA ARG A 465 13.49 -1.43 17.66
C ARG A 465 13.87 -2.70 16.93
N SER A 466 13.18 -3.82 17.20
CA SER A 466 13.61 -5.02 16.48
C SER A 466 12.96 -5.08 15.11
N ILE A 467 11.70 -4.65 15.02
CA ILE A 467 11.04 -4.53 13.71
C ILE A 467 11.93 -3.76 12.75
N VAL A 468 12.41 -2.59 13.19
CA VAL A 468 13.26 -1.79 12.32
C VAL A 468 14.52 -2.57 11.95
N LYS A 469 15.21 -3.12 12.94
CA LYS A 469 16.40 -3.92 12.67
C LYS A 469 16.09 -5.08 11.72
N ARG A 470 14.99 -5.80 11.97
CA ARG A 470 14.67 -6.95 11.12
C ARG A 470 14.39 -6.50 9.69
N TRP A 471 13.67 -5.40 9.54
CA TRP A 471 13.38 -4.88 8.21
C TRP A 471 14.67 -4.50 7.48
N ALA A 472 15.64 -3.96 8.21
CA ALA A 472 16.84 -3.45 7.56
C ALA A 472 17.76 -4.60 7.18
N ASN A 473 17.95 -5.55 8.10
CA ASN A 473 18.68 -6.76 7.75
C ASN A 473 18.06 -7.47 6.58
N PHE A 474 16.73 -7.46 6.48
CA PHE A 474 16.13 -8.02 5.28
C PHE A 474 16.50 -7.20 4.04
N ALA A 475 16.43 -5.87 4.13
CA ALA A 475 16.77 -5.07 2.96
C ALA A 475 18.21 -5.27 2.55
N LYS A 476 19.12 -5.30 3.52
CA LYS A 476 20.54 -5.31 3.21
C LYS A 476 21.06 -6.70 2.92
N TYR A 477 20.56 -7.72 3.61
CA TYR A 477 21.12 -9.06 3.57
C TYR A 477 20.13 -10.14 3.18
N GLY A 478 18.89 -9.80 2.89
CA GLY A 478 17.91 -10.80 2.53
C GLY A 478 17.48 -11.73 3.65
N ASN A 479 17.90 -11.48 4.89
CA ASN A 479 17.50 -12.28 6.04
C ASN A 479 17.04 -11.35 7.16
N PRO A 480 15.75 -11.40 7.58
CA PRO A 480 15.21 -10.41 8.51
C PRO A 480 15.38 -10.85 9.97
N GLN A 481 16.58 -11.30 10.31
CA GLN A 481 16.91 -11.72 11.67
C GLN A 481 17.30 -10.54 12.55
N GLU A 482 17.09 -10.70 13.87
CA GLU A 482 17.77 -9.91 14.91
C GLU A 482 18.74 -10.87 15.56
N THR A 483 20.01 -10.68 15.27
CA THR A 483 21.10 -11.62 15.58
C THR A 483 21.54 -11.56 17.03
N GLN A 484 21.53 -10.37 17.62
CA GLN A 484 22.33 -10.10 18.79
C GLN A 484 21.53 -10.27 20.07
N ASN A 485 20.46 -9.51 20.22
CA ASN A 485 19.81 -9.43 21.51
C ASN A 485 18.99 -10.69 21.78
N GLN A 486 19.62 -11.86 21.57
CA GLN A 486 19.03 -13.17 21.88
C GLN A 486 17.63 -13.30 21.30
N SER A 487 17.46 -12.86 20.05
CA SER A 487 16.13 -12.76 19.47
C SER A 487 15.71 -14.07 18.84
N THR A 488 14.40 -14.34 18.92
CA THR A 488 13.82 -15.45 18.19
C THR A 488 14.18 -15.36 16.72
N SER A 489 14.74 -16.46 16.20
CA SER A 489 14.99 -16.52 14.78
C SER A 489 13.68 -16.48 14.03
N TRP A 490 13.69 -15.78 12.90
CA TRP A 490 12.53 -15.74 12.04
C TRP A 490 12.68 -16.83 10.99
N PRO A 491 11.85 -17.87 11.00
CA PRO A 491 12.03 -18.98 10.06
C PRO A 491 11.42 -18.68 8.70
N VAL A 492 12.00 -19.34 7.69
CA VAL A 492 11.51 -19.21 6.32
C VAL A 492 10.12 -19.85 6.18
N PHE A 493 9.26 -19.22 5.40
CA PHE A 493 7.93 -19.73 5.10
C PHE A 493 8.03 -20.73 3.95
N LYS A 494 7.86 -22.01 4.24
CA LYS A 494 7.70 -23.03 3.22
C LYS A 494 6.22 -23.40 3.13
N SER A 495 5.74 -23.65 1.91
CA SER A 495 4.34 -23.97 1.76
C SER A 495 3.98 -25.30 2.41
N THR A 496 4.97 -26.15 2.64
CA THR A 496 4.81 -27.30 3.51
C THR A 496 4.31 -26.87 4.90
N GLU A 497 5.21 -26.35 5.74
CA GLU A 497 4.91 -26.14 7.14
C GLU A 497 4.31 -24.78 7.45
N GLN A 498 4.52 -23.80 6.58
CA GLN A 498 3.92 -22.48 6.70
C GLN A 498 4.13 -21.87 8.09
N LYS A 499 5.39 -21.59 8.42
CA LYS A 499 5.73 -20.97 9.69
C LYS A 499 5.73 -19.46 9.55
N TYR A 500 5.26 -18.76 10.60
CA TYR A 500 5.26 -17.30 10.63
C TYR A 500 5.69 -16.79 12.00
N LEU A 501 6.14 -15.55 12.01
CA LEU A 501 6.66 -14.92 13.22
C LEU A 501 5.63 -13.92 13.71
N THR A 502 5.45 -13.85 15.03
CA THR A 502 4.53 -12.89 15.61
C THR A 502 5.31 -11.71 16.17
N LEU A 503 4.76 -10.52 15.98
CA LEU A 503 5.38 -9.29 16.45
C LEU A 503 4.47 -8.67 17.50
N ASN A 504 5.01 -8.46 18.70
CA ASN A 504 4.28 -7.85 19.80
C ASN A 504 5.30 -7.48 20.86
N THR A 505 4.83 -6.84 21.94
CA THR A 505 5.75 -6.46 23.01
C THR A 505 5.96 -7.54 24.05
N GLU A 506 5.15 -8.60 24.06
CA GLU A 506 5.41 -9.71 24.96
C GLU A 506 6.42 -10.66 24.33
N SER A 507 6.01 -11.26 23.22
CA SER A 507 6.61 -12.48 22.70
C SER A 507 6.99 -12.29 21.24
N THR A 508 8.12 -12.85 20.86
CA THR A 508 8.25 -13.35 19.51
C THR A 508 7.91 -14.83 19.56
N ARG A 509 6.98 -15.27 18.74
CA ARG A 509 6.71 -16.69 18.69
C ARG A 509 6.61 -17.18 17.27
N ILE A 510 6.98 -18.44 17.09
CA ILE A 510 6.83 -19.15 15.84
C ILE A 510 5.56 -19.97 15.93
N MET A 511 4.62 -19.70 15.02
CA MET A 511 3.34 -20.36 14.87
C MET A 511 3.25 -20.99 13.48
N THR A 512 2.20 -21.77 13.24
CA THR A 512 2.09 -22.49 11.98
C THR A 512 0.68 -22.37 11.40
N LYS A 513 0.61 -22.29 10.07
CA LYS A 513 -0.61 -22.49 9.31
C LYS A 513 -1.70 -21.51 9.76
N LEU A 514 -1.39 -20.24 9.55
CA LEU A 514 -2.27 -19.14 9.95
C LEU A 514 -3.64 -19.20 9.27
N ARG A 515 -4.68 -18.95 10.08
CA ARG A 515 -6.09 -18.90 9.66
C ARG A 515 -6.43 -20.03 8.69
N ALA A 516 -6.01 -21.24 9.08
CA ALA A 516 -6.22 -22.44 8.26
C ALA A 516 -7.67 -22.61 7.82
N GLN A 517 -8.60 -22.78 8.78
CA GLN A 517 -9.99 -23.13 8.41
C GLN A 517 -10.63 -22.06 7.54
N GLN A 518 -10.32 -20.79 7.81
CA GLN A 518 -10.99 -19.67 7.17
C GLN A 518 -10.56 -19.50 5.72
N CYS A 519 -9.27 -19.58 5.47
CA CYS A 519 -8.70 -19.31 4.15
C CYS A 519 -9.05 -20.44 3.15
N ARG A 520 -9.25 -21.67 3.66
CA ARG A 520 -9.75 -22.76 2.80
C ARG A 520 -11.17 -22.47 2.37
N PHE A 521 -11.96 -21.86 3.26
CA PHE A 521 -13.24 -21.33 2.80
C PHE A 521 -13.00 -20.24 1.75
N TRP A 522 -12.19 -19.25 2.09
CA TRP A 522 -12.15 -18.05 1.25
C TRP A 522 -11.54 -18.35 -0.10
N THR A 523 -10.42 -19.05 -0.13
CA THR A 523 -9.65 -19.20 -1.35
C THR A 523 -10.06 -20.41 -2.17
N SER A 524 -11.18 -21.09 -1.85
CA SER A 524 -11.67 -22.13 -2.76
C SER A 524 -13.17 -22.36 -2.76
N PHE A 525 -13.79 -22.74 -1.65
CA PHE A 525 -15.23 -22.94 -1.73
C PHE A 525 -15.92 -21.63 -2.10
N PHE A 526 -15.47 -20.52 -1.54
CA PHE A 526 -16.16 -19.25 -1.78
C PHE A 526 -16.00 -18.67 -3.19
N PRO A 527 -14.84 -18.76 -3.86
CA PRO A 527 -14.74 -18.18 -5.21
C PRO A 527 -15.52 -18.92 -6.26
N LYS A 528 -15.89 -20.19 -6.04
CA LYS A 528 -16.69 -20.87 -7.04
C LYS A 528 -18.10 -20.31 -7.12
N VAL A 529 -18.49 -19.45 -6.19
CA VAL A 529 -19.85 -18.92 -6.18
C VAL A 529 -19.90 -17.54 -6.84
C1 NAG B . 16.97 28.45 -2.31
C2 NAG B . 16.44 29.77 -2.83
C3 NAG B . 17.54 30.82 -2.76
C4 NAG B . 18.03 30.98 -1.32
C5 NAG B . 18.46 29.62 -0.76
C6 NAG B . 18.78 29.65 0.72
C7 NAG B . 14.61 29.58 -4.46
C8 NAG B . 13.67 29.69 -3.28
N2 NAG B . 15.92 29.63 -4.18
O3 NAG B . 17.02 32.05 -3.27
O4 NAG B . 19.11 31.91 -1.22
O5 NAG B . 17.43 28.62 -0.94
O6 NAG B . 17.74 29.10 1.51
O7 NAG B . 14.20 29.45 -5.61
C1 NAG B . 18.66 33.30 -1.06
C2 NAG B . 19.39 34.02 0.10
C3 NAG B . 18.94 35.49 0.17
C4 NAG B . 19.08 36.18 -1.18
C5 NAG B . 18.39 35.37 -2.27
C6 NAG B . 18.59 35.92 -3.65
C7 NAG B . 19.87 33.60 2.47
C8 NAG B . 19.48 32.84 3.69
N2 NAG B . 19.15 33.35 1.37
O3 NAG B . 19.73 36.19 1.14
O4 NAG B . 18.46 37.47 -1.12
O5 NAG B . 18.90 34.02 -2.29
O6 NAG B . 18.08 37.25 -3.75
O7 NAG B . 20.78 34.42 2.48
C1 MAN B . 19.31 38.65 -1.09
C2 MAN B . 18.40 39.83 -1.63
C3 MAN B . 19.18 40.91 -2.38
C4 MAN B . 20.66 40.99 -1.91
C5 MAN B . 21.37 39.65 -2.19
C6 MAN B . 22.75 39.53 -1.53
O2 MAN B . 17.74 40.56 -0.57
O3 MAN B . 18.51 42.17 -2.23
O4 MAN B . 21.38 42.04 -2.57
O5 MAN B . 20.53 38.47 -1.82
O6 MAN B . 23.64 40.50 -2.10
C1 MAN B . 18.61 42.90 -3.46
C2 MAN B . 18.93 44.41 -3.10
C3 MAN B . 18.99 45.27 -4.37
C4 MAN B . 18.72 44.42 -5.64
C5 MAN B . 17.38 43.60 -5.46
C6 MAN B . 17.09 42.67 -6.63
O2 MAN B . 20.21 44.55 -2.46
O3 MAN B . 20.21 46.02 -4.48
O4 MAN B . 18.64 45.27 -6.78
O5 MAN B . 17.44 42.76 -4.26
O6 MAN B . 16.03 43.25 -7.37
C1 FUC B . 18.20 28.47 2.73
C2 FUC B . 18.43 29.60 3.74
C3 FUC B . 18.64 29.14 5.22
C4 FUC B . 18.38 27.64 5.43
C5 FUC B . 17.14 27.17 4.61
C6 FUC B . 16.84 25.67 4.74
O2 FUC B . 17.40 30.59 3.65
O3 FUC B . 19.97 29.45 5.65
O4 FUC B . 19.55 26.88 5.13
O5 FUC B . 17.25 27.47 3.18
C1 GAL C . 6.98 33.18 -4.48
C2 GAL C . 7.22 31.67 -4.25
C3 GAL C . 6.17 31.13 -3.31
C4 GAL C . 6.50 31.65 -1.93
C5 GAL C . 6.71 33.18 -1.98
C6 GAL C . 8.08 33.68 -1.46
O1 GAL C . 8.15 33.87 -4.86
O2 GAL C . 7.12 30.91 -5.44
O3 GAL C . 6.18 29.69 -3.27
O4 GAL C . 7.67 31.05 -1.42
O5 GAL C . 6.46 33.82 -3.31
O6 GAL C . 8.49 32.92 -0.33
C1 SIA C . 6.25 27.98 -2.26
C2 SIA C . 5.41 28.58 -3.46
C3 SIA C . 5.38 27.71 -4.73
C4 SIA C . 4.46 26.47 -4.67
C5 SIA C . 3.05 26.90 -4.23
C6 SIA C . 3.27 27.54 -2.82
C7 SIA C . 2.02 27.92 -2.00
C8 SIA C . 1.24 29.17 -2.51
C9 SIA C . 0.06 29.49 -1.62
C10 SIA C . 1.26 25.39 -5.19
C11 SIA C . 1.26 26.26 -6.44
N5 SIA C . 2.12 25.76 -4.20
O1A SIA C . 6.07 28.61 -1.18
O1B SIA C . 6.94 26.97 -2.50
O4 SIA C . 4.36 25.76 -5.93
O6 SIA C . 4.02 28.75 -2.98
O7 SIA C . 1.20 26.76 -1.81
O8 SIA C . 2.12 30.30 -2.59
O9 SIA C . 0.57 30.03 -0.41
O10 SIA C . 0.50 24.42 -5.10
C1 NAG D . -22.04 -0.93 -16.47
C2 NAG D . -22.57 -1.50 -15.16
C3 NAG D . -24.09 -1.62 -15.24
C4 NAG D . -24.70 -0.25 -15.50
C5 NAG D . -24.07 0.43 -16.72
C6 NAG D . -24.43 1.90 -16.77
C7 NAG D . -22.08 -3.91 -15.49
C8 NAG D . -21.34 -5.09 -14.92
N2 NAG D . -21.95 -2.77 -14.80
O3 NAG D . -24.60 -2.17 -14.03
O4 NAG D . -26.12 -0.33 -15.69
O5 NAG D . -22.63 0.37 -16.71
O6 NAG D . -23.88 2.60 -15.65
O7 NAG D . -22.76 -3.99 -16.51
C1 NAG D . -26.88 0.08 -14.51
C2 NAG D . -28.20 0.84 -14.85
C3 NAG D . -29.01 1.09 -13.58
C4 NAG D . -29.25 -0.21 -12.83
C5 NAG D . -27.90 -0.85 -12.51
C6 NAG D . -28.02 -2.18 -11.80
C7 NAG D . -27.88 2.21 -16.86
C8 NAG D . -27.61 3.59 -17.40
N2 NAG D . -27.94 2.09 -15.54
O3 NAG D . -30.25 1.73 -13.90
O4 NAG D . -30.01 0.01 -11.66
O5 NAG D . -27.17 -1.09 -13.72
O6 NAG D . -26.81 -2.92 -11.89
O7 NAG D . -28.01 1.24 -17.61
C1 FUC D . -24.88 3.24 -14.81
C2 FUC D . -24.77 2.64 -13.37
C3 FUC D . -24.87 3.73 -12.29
C4 FUC D . -23.79 4.81 -12.48
C5 FUC D . -23.70 5.23 -13.97
C6 FUC D . -23.72 6.74 -14.16
O2 FUC D . -23.59 1.87 -13.19
O3 FUC D . -26.15 4.36 -12.36
O4 FUC D . -24.07 5.95 -11.67
O5 FUC D . -24.77 4.67 -14.79
C1 NAG E . -23.89 2.31 18.27
C2 NAG E . -25.29 1.80 18.63
C3 NAG E . -26.19 1.74 17.39
C4 NAG E . -26.17 3.06 16.61
C5 NAG E . -24.72 3.47 16.34
C6 NAG E . -24.57 4.83 15.69
C7 NAG E . -24.78 0.26 20.50
C8 NAG E . -24.73 -1.17 20.94
N2 NAG E . -25.20 0.48 19.25
O3 NAG E . -27.53 1.44 17.79
O4 NAG E . -26.87 2.86 15.38
O5 NAG E . -24.00 3.54 17.58
O6 NAG E . -25.81 5.49 15.43
O7 NAG E . -24.45 1.17 21.24
C1 NAG E . -28.24 3.38 15.36
C2 NAG E . -28.70 3.51 13.90
C3 NAG E . -30.13 4.07 13.86
C4 NAG E . -31.06 3.23 14.71
C5 NAG E . -30.50 3.05 16.13
C6 NAG E . -31.30 2.09 16.96
C7 NAG E . -26.67 3.91 12.58
C8 NAG E . -25.86 4.92 11.82
N2 NAG E . -27.80 4.35 13.13
O3 NAG E . -30.61 4.09 12.52
O4 NAG E . -32.34 3.86 14.77
O5 NAG E . -29.16 2.54 16.08
O6 NAG E . -30.57 0.90 17.22
O7 NAG E . -26.31 2.74 12.68
C1 FUC E . -26.04 6.62 16.31
C2 FUC E . -24.74 7.44 16.52
C3 FUC E . -24.99 8.69 17.41
C4 FUC E . -26.49 9.02 17.61
C5 FUC E . -27.27 8.79 16.31
C6 FUC E . -28.79 9.02 16.45
O2 FUC E . -24.13 7.81 15.29
O3 FUC E . -24.38 8.53 18.70
O4 FUC E . -27.06 8.26 18.68
O5 FUC E . -27.09 7.44 15.76
C10 TKN F . -9.82 3.86 0.59
C12 TKN F . -11.60 5.81 0.11
C11 TKN F . -10.50 4.82 -0.43
C13 TKN F . -11.24 6.50 1.43
C14 TKN F . -11.92 5.96 2.72
C15 TKN F . -11.04 6.13 3.99
C16 TKN F . -9.56 6.52 3.72
C17 TKN F . -8.66 6.67 4.98
C19 TKN F . -6.82 4.90 5.71
C21 TKN F . -5.15 3.06 5.93
C20 TKN F . -5.69 4.19 5.19
C01 TKN F . -7.91 -2.05 0.16
C03 TKN F . -8.91 0.07 0.32
C04 TKN F . -8.91 1.41 0.84
C05 TKN F . -8.09 1.80 2.07
C07 TKN F . -5.86 0.89 1.30
C09 TKN F . -9.71 2.41 0.17
C22 TKN F . -3.95 2.26 5.39
C23 TKN F . -3.18 2.88 4.20
C24 TKN F . -4.09 3.53 3.23
C25 TKN F . -5.04 4.55 3.90
C27 TKN F . -6.78 3.36 7.68
C28 TKN F . -7.32 2.90 8.97
C29 TKN F . -8.41 3.53 9.58
C30 TKN F . -9.01 4.62 8.93
C31 TKN F . -8.52 5.07 7.72
C32 TKN F . -7.38 4.47 7.04
C33 TKN F . -10.45 2.01 -0.96
C34 TKN F . -10.43 0.71 -1.45
C35 TKN F . -9.67 -0.26 -0.83
N18 TKN F . -7.35 6.03 4.94
N26 TKN F . -5.66 2.67 7.12
O02 TKN F . -8.16 -0.92 0.94
O06 TKN F . -6.69 1.65 2.19
O08 TKN F . -8.61 2.30 3.10
C1 NAG G . 28.86 -0.74 -4.74
C2 NAG G . 30.19 -0.56 -5.53
C3 NAG G . 30.20 -1.42 -6.80
C4 NAG G . 29.92 -2.88 -6.47
C5 NAG G . 28.56 -2.96 -5.77
C6 NAG G . 28.17 -4.36 -5.36
C7 NAG G . 30.70 1.79 -4.95
C8 NAG G . 30.90 3.16 -5.49
N2 NAG G . 30.43 0.84 -5.86
O3 NAG G . 31.46 -1.32 -7.46
O4 NAG G . 29.93 -3.67 -7.65
O5 NAG G . 28.59 -2.17 -4.58
O6 NAG G . 27.06 -4.36 -4.49
O7 NAG G . 30.79 1.53 -3.76
C1 NAG H . -10.39 9.99 -34.56
C2 NAG H . -9.14 10.60 -33.91
C3 NAG H . -7.91 10.29 -34.75
C4 NAG H . -7.76 8.78 -34.92
C5 NAG H . -9.04 8.19 -35.52
C6 NAG H . -9.02 6.67 -35.56
C7 NAG H . -9.28 12.98 -34.62
C8 NAG H . -9.40 14.39 -34.15
N2 NAG H . -9.26 12.04 -33.67
O3 NAG H . -6.74 10.85 -34.15
O4 NAG H . -6.66 8.51 -35.80
O5 NAG H . -10.19 8.55 -34.74
O6 NAG H . -8.77 6.10 -34.28
O7 NAG H . -9.21 12.70 -35.82
C1 NAG I . 20.04 -4.53 22.36
C2 NAG I . 19.35 -3.26 21.84
C3 NAG I . 20.12 -2.01 22.27
C4 NAG I . 20.31 -2.00 23.78
C5 NAG I . 21.04 -3.26 24.20
C6 NAG I . 21.25 -3.38 25.69
C7 NAG I . 18.24 -3.98 19.76
C8 NAG I . 18.25 -3.91 18.27
N2 NAG I . 19.22 -3.30 20.38
O3 NAG I . 19.44 -0.84 21.85
O4 NAG I . 21.01 -0.83 24.19
O5 NAG I . 20.27 -4.41 23.80
O6 NAG I . 21.83 -4.63 26.04
O7 NAG I . 17.39 -4.62 20.38
O1 MES J . -7.23 -13.19 16.50
C2 MES J . -6.30 -13.95 17.27
C3 MES J . -5.30 -14.70 16.40
N4 MES J . -6.05 -15.36 15.34
C5 MES J . -6.95 -14.54 14.55
C6 MES J . -7.93 -13.98 15.55
C7 MES J . -5.36 -16.46 14.65
C8 MES J . -6.36 -17.03 13.64
S MES J . -6.30 -18.68 13.59
O1S MES J . -7.31 -19.18 12.65
O2S MES J . -4.96 -19.17 13.18
O3S MES J . -6.62 -19.21 14.94
C1 GOL K . 10.75 17.28 8.09
O1 GOL K . 9.67 18.06 7.69
C2 GOL K . 10.24 15.84 8.27
O2 GOL K . 9.41 15.70 9.39
C3 GOL K . 11.49 15.01 8.41
O3 GOL K . 11.38 14.04 7.45
CL CL L . -31.95 -16.37 9.72
CL CL M . -28.04 -16.59 17.00
CL CL N . -15.33 -25.11 3.66
S SO4 O . -13.76 -3.02 -6.60
O1 SO4 O . -12.67 -3.32 -7.54
O2 SO4 O . -14.26 -1.67 -6.82
O3 SO4 O . -14.87 -3.95 -6.82
O4 SO4 O . -13.28 -3.16 -5.23
S SO4 P . 12.50 -11.31 21.00
O1 SO4 P . 12.83 -11.53 19.60
O2 SO4 P . 11.63 -10.15 21.10
O3 SO4 P . 13.73 -11.05 21.77
O4 SO4 P . 11.84 -12.47 21.58
S SO4 Q . 16.69 -17.74 -2.44
O1 SO4 Q . 17.70 -16.70 -2.30
O2 SO4 Q . 15.73 -17.30 -3.44
O3 SO4 Q . 16.00 -17.92 -1.18
O4 SO4 Q . 17.32 -19.00 -2.85
#